data_9DIK
#
_entry.id   9DIK
#
_cell.length_a   68.539
_cell.length_b   107.979
_cell.length_c   157.835
_cell.angle_alpha   90.000
_cell.angle_beta   90.000
_cell.angle_gamma   90.000
#
_symmetry.space_group_name_H-M   'P 21 21 21'
#
loop_
_entity.id
_entity.type
_entity.pdbx_description
1 polymer 'Dihydroorotate dehydrogenase (quinone), mitochondrial'
2 non-polymer N-cyclopropyl-1,4-dimethyl-5-{[6-(trifluoromethyl)pyridin-3-yl]methyl}-1H-pyrazole-3-carboxamide
3 non-polymer 'FLAVIN MONONUCLEOTIDE'
4 non-polymer 6-[bis(oxidanyl)methyl]-5~{H}-pyrimidine-2,4-dione
5 non-polymer 'SODIUM ION'
6 water water
#
_entity_poly.entity_id   1
_entity_poly.type   'polypeptide(L)'
_entity_poly.pdbx_seq_one_letter_code
;MGHHHHHHAENLYFQGADPFESYNPEFFLYDIFLKFCLKYIDGEICHDLFLLLGKYNILPYDTSNDSIYACTNIKHLDFI
NPFGVAAGFDKNGVCIDSILKLGFSFIEIGTITPRGQTGNAKPRIFRDVESRSIINSCGFNNMGCDKVTENLILFRKRQE
EDKLLSKHIVGVSIGKNKDTVNIVDDLKYCINKIGRYADYIAINVSSPNTPGLRDNQEAGKLKNIILSVKEEIDNLEKNN
IMNDEFLWFNTTKKKPLVFVKLAPDLNQEQKKEIADVLLETNIDGMIISNTTTQINDIKSFENKKGGVSGAKLKDISTKF
ICEMYNYTNKQIPIIASGGIFSGLDALEKIEAGASVCQLYSCLVFNGMKSAVQIKRELNHLLYQRGYYNLKEAIGRKHSK
S
;
_entity_poly.pdbx_strand_id   A,B
#
loop_
_chem_comp.id
_chem_comp.type
_chem_comp.name
_chem_comp.formula
A1A52 non-polymer N-cyclopropyl-1,4-dimethyl-5-{[6-(trifluoromethyl)pyridin-3-yl]methyl}-1H-pyrazole-3-carboxamide 'C16 H17 F3 N4 O'
FMN non-polymer 'FLAVIN MONONUCLEOTIDE' 'C17 H21 N4 O9 P'
NA non-polymer 'SODIUM ION' 'Na 1'
OG6 non-polymer 6-[bis(oxidanyl)methyl]-5~{H}-pyrimidine-2,4-dione 'C5 H6 N2 O4'
#
# COMPACT_ATOMS: atom_id res chain seq x y z
N GLU A 21 11.68 -6.56 -43.49
CA GLU A 21 11.85 -5.42 -42.61
C GLU A 21 10.53 -5.04 -41.95
N SER A 22 9.42 -5.29 -42.64
CA SER A 22 8.11 -4.88 -42.13
C SER A 22 7.60 -5.80 -41.02
N TYR A 23 7.73 -7.11 -41.21
CA TYR A 23 7.34 -8.06 -40.17
C TYR A 23 8.33 -8.11 -39.02
N ASN A 24 9.45 -7.41 -39.12
CA ASN A 24 10.39 -7.32 -38.00
C ASN A 24 9.73 -6.51 -36.88
N PRO A 25 9.56 -7.07 -35.68
CA PRO A 25 8.88 -6.32 -34.62
C PRO A 25 9.53 -4.99 -34.28
N GLU A 26 10.76 -4.73 -34.73
CA GLU A 26 11.42 -3.46 -34.50
C GLU A 26 11.23 -2.46 -35.64
N PHE A 27 10.31 -2.73 -36.56
CA PHE A 27 9.98 -1.78 -37.61
C PHE A 27 9.54 -0.46 -36.99
N PHE A 28 9.89 0.64 -37.67
CA PHE A 28 9.75 1.95 -37.05
C PHE A 28 8.28 2.34 -36.88
N LEU A 29 7.40 1.91 -37.80
CA LEU A 29 6.00 2.31 -37.70
C LEU A 29 5.36 1.83 -36.41
N TYR A 30 5.79 0.68 -35.89
CA TYR A 30 5.18 0.16 -34.67
C TYR A 30 5.41 1.09 -33.50
N ASP A 31 6.60 1.71 -33.41
CA ASP A 31 6.82 2.69 -32.35
C ASP A 31 6.03 3.97 -32.58
N ILE A 32 5.86 4.38 -33.83
CA ILE A 32 5.01 5.52 -34.14
C ILE A 32 3.57 5.25 -33.66
N PHE A 33 3.03 4.10 -34.03
CA PHE A 33 1.67 3.76 -33.62
C PHE A 33 1.57 3.58 -32.11
N LEU A 34 2.61 3.01 -31.49
CA LEU A 34 2.60 2.85 -30.05
C LEU A 34 2.50 4.20 -29.33
N LYS A 35 3.31 5.17 -29.74
CA LYS A 35 3.27 6.47 -29.11
C LYS A 35 1.92 7.13 -29.29
N PHE A 36 1.35 7.03 -30.48
CA PHE A 36 0.03 7.61 -30.72
C PHE A 36 -1.01 6.96 -29.83
N CYS A 37 -0.98 5.63 -29.69
CA CYS A 37 -1.93 4.93 -28.84
C CYS A 37 -1.80 5.37 -27.39
N LEU A 38 -0.56 5.45 -26.90
CA LEU A 38 -0.33 5.82 -25.51
C LEU A 38 -0.72 7.26 -25.22
N LYS A 39 -0.89 8.08 -26.25
CA LYS A 39 -1.21 9.48 -26.05
C LYS A 39 -2.68 9.78 -26.17
N TYR A 40 -3.43 9.05 -27.01
CA TYR A 40 -4.77 9.46 -27.38
C TYR A 40 -5.82 8.38 -27.23
N ILE A 41 -5.47 7.14 -26.96
CA ILE A 41 -6.42 6.03 -27.03
C ILE A 41 -6.52 5.36 -25.67
N ASP A 42 -7.74 5.02 -25.30
CA ASP A 42 -8.02 4.36 -24.03
C ASP A 42 -7.24 3.07 -23.92
N GLY A 43 -6.81 2.74 -22.69
CA GLY A 43 -5.97 1.58 -22.47
C GLY A 43 -6.60 0.29 -22.96
N GLU A 44 -7.83 0.01 -22.52
CA GLU A 44 -8.49 -1.23 -22.93
C GLU A 44 -8.66 -1.29 -24.45
N ILE A 45 -8.97 -0.17 -25.10
CA ILE A 45 -9.11 -0.17 -26.55
C ILE A 45 -7.79 -0.50 -27.24
N CYS A 46 -6.69 0.09 -26.78
CA CYS A 46 -5.38 -0.30 -27.30
C CYS A 46 -5.16 -1.81 -27.17
N HIS A 47 -5.46 -2.36 -25.99
CA HIS A 47 -5.34 -3.79 -25.79
C HIS A 47 -6.22 -4.56 -26.77
N ASP A 48 -7.49 -4.15 -26.91
CA ASP A 48 -8.39 -4.85 -27.81
C ASP A 48 -7.91 -4.78 -29.25
N LEU A 49 -7.28 -3.67 -29.62
CA LEU A 49 -6.72 -3.54 -30.97
C LEU A 49 -5.56 -4.50 -31.19
N PHE A 50 -4.64 -4.58 -30.21
CA PHE A 50 -3.55 -5.54 -30.30
C PHE A 50 -4.09 -6.95 -30.52
N LEU A 51 -5.08 -7.34 -29.71
CA LEU A 51 -5.67 -8.67 -29.84
C LEU A 51 -6.30 -8.86 -31.21
N LEU A 52 -6.91 -7.80 -31.75
CA LEU A 52 -7.52 -7.90 -33.06
C LEU A 52 -6.48 -8.13 -34.13
N LEU A 53 -5.34 -7.44 -34.05
CA LEU A 53 -4.27 -7.68 -35.01
C LEU A 53 -3.78 -9.11 -34.92
N GLY A 54 -3.61 -9.64 -33.71
CA GLY A 54 -3.15 -11.02 -33.58
C GLY A 54 -4.17 -12.04 -34.02
N LYS A 55 -5.45 -11.74 -33.82
CA LYS A 55 -6.50 -12.67 -34.22
C LYS A 55 -6.45 -12.92 -35.73
N TYR A 56 -6.08 -11.92 -36.52
CA TYR A 56 -5.95 -12.04 -37.96
C TYR A 56 -4.52 -12.28 -38.39
N ASN A 57 -3.63 -12.61 -37.46
CA ASN A 57 -2.27 -13.03 -37.78
C ASN A 57 -1.53 -11.99 -38.61
N ILE A 58 -1.76 -10.72 -38.30
CA ILE A 58 -1.08 -9.63 -38.98
C ILE A 58 -0.13 -8.90 -38.05
N LEU A 59 0.25 -9.51 -36.94
CA LEU A 59 1.28 -8.96 -36.08
C LEU A 59 2.66 -9.33 -36.59
N PRO A 60 3.68 -8.53 -36.26
CA PRO A 60 5.05 -8.91 -36.61
C PRO A 60 5.49 -10.16 -35.86
N TYR A 61 6.58 -10.76 -36.33
CA TYR A 61 7.05 -11.99 -35.75
C TYR A 61 8.57 -12.03 -35.78
N ASP A 62 9.14 -12.87 -34.91
CA ASP A 62 10.58 -13.05 -34.80
C ASP A 62 10.82 -14.54 -34.54
N THR A 63 11.02 -15.29 -35.62
CA THR A 63 11.27 -16.72 -35.53
C THR A 63 12.74 -17.07 -35.41
N SER A 64 13.62 -16.07 -35.24
CA SER A 64 15.04 -16.33 -35.00
C SER A 64 15.20 -17.28 -33.82
N ASN A 65 16.19 -18.18 -33.93
CA ASN A 65 16.51 -19.06 -32.81
C ASN A 65 17.16 -18.24 -31.70
N ASP A 66 16.93 -18.69 -30.47
CA ASP A 66 17.44 -18.00 -29.29
C ASP A 66 18.73 -18.65 -28.79
N SER A 67 19.50 -17.86 -28.04
CA SER A 67 20.74 -18.36 -27.49
C SER A 67 20.50 -19.60 -26.64
N ILE A 68 21.27 -20.64 -26.91
CA ILE A 68 21.20 -21.84 -26.08
C ILE A 68 21.68 -21.59 -24.66
N TYR A 69 22.34 -20.47 -24.41
CA TYR A 69 22.82 -20.13 -23.08
C TYR A 69 21.80 -19.32 -22.29
N ALA A 70 20.68 -18.96 -22.91
CA ALA A 70 19.63 -18.21 -22.23
C ALA A 70 18.38 -19.05 -21.98
N CYS A 71 18.38 -20.31 -22.42
CA CYS A 71 17.27 -21.20 -22.10
C CYS A 71 17.29 -21.55 -20.62
N THR A 72 16.12 -21.92 -20.11
CA THR A 72 15.94 -22.18 -18.68
C THR A 72 14.89 -23.28 -18.53
N ASN A 73 14.76 -23.78 -17.30
CA ASN A 73 13.77 -24.82 -17.07
C ASN A 73 13.17 -24.70 -15.67
N ILE A 74 11.92 -25.13 -15.55
CA ILE A 74 11.29 -25.40 -14.24
C ILE A 74 10.87 -26.86 -14.27
N LYS A 75 11.57 -27.70 -13.52
CA LYS A 75 11.39 -29.15 -13.60
C LYS A 75 11.52 -29.61 -15.04
N HIS A 76 10.50 -30.27 -15.59
CA HIS A 76 10.57 -30.79 -16.94
C HIS A 76 10.10 -29.80 -18.00
N LEU A 77 9.67 -28.61 -17.60
CA LEU A 77 9.30 -27.54 -18.52
C LEU A 77 10.56 -26.89 -19.08
N ASP A 78 10.82 -27.08 -20.36
CA ASP A 78 12.02 -26.54 -21.01
C ASP A 78 11.64 -25.30 -21.80
N PHE A 79 12.07 -24.14 -21.31
CA PHE A 79 11.74 -22.86 -21.93
C PHE A 79 12.84 -22.52 -22.93
N ILE A 80 12.47 -22.29 -24.20
CA ILE A 80 13.48 -21.99 -25.21
C ILE A 80 14.18 -20.68 -24.90
N ASN A 81 13.51 -19.80 -24.17
CA ASN A 81 14.10 -18.55 -23.71
C ASN A 81 13.39 -18.15 -22.44
N PRO A 82 13.93 -17.18 -21.70
CA PRO A 82 13.43 -16.97 -20.33
C PRO A 82 12.31 -15.97 -20.19
N PHE A 83 11.60 -15.65 -21.27
CA PHE A 83 10.59 -14.59 -21.24
C PHE A 83 9.25 -15.11 -21.75
N GLY A 84 8.21 -14.91 -20.95
CA GLY A 84 6.85 -15.23 -21.34
C GLY A 84 5.92 -14.06 -21.10
N VAL A 85 4.66 -14.28 -21.42
CA VAL A 85 3.63 -13.25 -21.23
C VAL A 85 2.80 -13.63 -20.02
N ALA A 86 2.61 -12.67 -19.12
CA ALA A 86 1.89 -12.91 -17.88
C ALA A 86 0.40 -13.07 -18.13
N ALA A 87 -0.29 -13.60 -17.13
CA ALA A 87 -1.73 -13.76 -17.24
C ALA A 87 -2.43 -12.40 -17.30
N GLY A 88 -3.65 -12.42 -17.83
CA GLY A 88 -4.44 -11.22 -18.01
C GLY A 88 -4.20 -10.49 -19.30
N PHE A 89 -3.24 -10.92 -20.11
CA PHE A 89 -2.99 -10.31 -21.41
C PHE A 89 -3.85 -10.97 -22.48
N ASP A 90 -3.79 -12.30 -22.57
CA ASP A 90 -4.70 -13.08 -23.39
C ASP A 90 -5.59 -13.89 -22.45
N LYS A 91 -6.62 -13.21 -21.90
CA LYS A 91 -7.49 -13.82 -20.91
C LYS A 91 -8.24 -15.01 -21.50
N ASN A 92 -8.54 -14.97 -22.80
CA ASN A 92 -9.40 -15.99 -23.38
C ASN A 92 -8.70 -16.89 -24.40
N GLY A 93 -7.40 -16.78 -24.55
CA GLY A 93 -6.69 -17.68 -25.44
C GLY A 93 -7.02 -17.51 -26.91
N VAL A 94 -7.31 -16.28 -27.34
CA VAL A 94 -7.71 -16.02 -28.71
C VAL A 94 -6.55 -15.53 -29.56
N CYS A 95 -5.33 -15.52 -29.02
CA CYS A 95 -4.21 -14.82 -29.65
C CYS A 95 -2.87 -15.47 -29.34
N ILE A 96 -2.87 -16.78 -29.10
CA ILE A 96 -1.69 -17.42 -28.52
C ILE A 96 -0.56 -17.48 -29.55
N ASP A 97 -0.89 -17.90 -30.78
CA ASP A 97 0.13 -18.05 -31.82
C ASP A 97 0.86 -16.74 -32.07
N SER A 98 0.11 -15.66 -32.26
CA SER A 98 0.73 -14.40 -32.66
C SER A 98 1.60 -13.85 -31.55
N ILE A 99 1.13 -13.92 -30.30
CA ILE A 99 1.91 -13.39 -29.20
C ILE A 99 3.19 -14.17 -29.04
N LEU A 100 3.11 -15.50 -29.10
CA LEU A 100 4.29 -16.33 -28.96
C LEU A 100 5.31 -16.01 -30.05
N LYS A 101 4.84 -15.85 -31.28
CA LYS A 101 5.73 -15.56 -32.41
C LYS A 101 6.41 -14.20 -32.30
N LEU A 102 5.97 -13.34 -31.40
CA LEU A 102 6.71 -12.12 -31.13
C LEU A 102 8.07 -12.40 -30.50
N GLY A 103 8.31 -13.62 -30.04
CA GLY A 103 9.61 -13.98 -29.50
C GLY A 103 9.55 -14.59 -28.10
N PHE A 104 8.36 -14.82 -27.59
CA PHE A 104 8.17 -15.33 -26.24
C PHE A 104 8.22 -16.86 -26.23
N SER A 105 8.73 -17.40 -25.13
CA SER A 105 8.81 -18.85 -24.97
C SER A 105 7.56 -19.46 -24.40
N PHE A 106 6.74 -18.68 -23.69
CA PHE A 106 5.50 -19.21 -23.13
C PHE A 106 4.53 -18.08 -22.85
N ILE A 107 3.28 -18.48 -22.60
CA ILE A 107 2.21 -17.57 -22.25
C ILE A 107 1.32 -18.25 -21.23
N GLU A 108 0.77 -17.45 -20.32
CA GLU A 108 -0.20 -17.89 -19.32
C GLU A 108 -1.53 -17.24 -19.66
N ILE A 109 -2.48 -18.03 -20.18
CA ILE A 109 -3.78 -17.50 -20.54
C ILE A 109 -4.63 -17.45 -19.28
N GLY A 110 -5.77 -16.80 -19.32
CA GLY A 110 -6.56 -16.56 -18.12
C GLY A 110 -6.21 -15.22 -17.53
N THR A 111 -6.66 -15.00 -16.28
CA THR A 111 -7.31 -15.98 -15.45
C THR A 111 -8.71 -16.31 -15.92
N ILE A 112 -9.06 -17.59 -15.92
CA ILE A 112 -10.38 -18.02 -16.35
C ILE A 112 -11.15 -18.44 -15.11
N THR A 113 -12.47 -18.40 -15.23
CA THR A 113 -13.42 -18.84 -14.20
C THR A 113 -14.39 -19.82 -14.86
N PRO A 114 -15.09 -20.64 -14.06
CA PRO A 114 -16.00 -21.63 -14.66
C PRO A 114 -17.02 -21.03 -15.61
N ARG A 115 -17.79 -20.07 -15.14
CA ARG A 115 -18.73 -19.30 -15.93
C ARG A 115 -18.09 -17.99 -16.39
N GLY A 116 -18.51 -17.52 -17.55
CA GLY A 116 -17.97 -16.28 -18.06
C GLY A 116 -18.33 -15.11 -17.16
N GLN A 117 -17.55 -14.04 -17.28
CA GLN A 117 -17.84 -12.80 -16.56
C GLN A 117 -17.44 -11.60 -17.41
N THR A 118 -18.24 -10.55 -17.42
CA THR A 118 -17.86 -9.32 -18.09
C THR A 118 -16.98 -8.42 -17.24
N GLY A 119 -16.91 -8.66 -15.94
CA GLY A 119 -16.05 -7.87 -15.08
C GLY A 119 -16.67 -6.59 -14.56
N ASN A 120 -15.83 -5.76 -13.94
CA ASN A 120 -16.30 -4.50 -13.37
C ASN A 120 -16.55 -3.46 -14.46
N ALA A 121 -17.26 -2.39 -14.10
CA ALA A 121 -17.67 -1.38 -15.06
C ALA A 121 -16.48 -0.61 -15.62
N LYS A 122 -16.60 -0.22 -16.90
CA LYS A 122 -15.54 0.52 -17.57
C LYS A 122 -15.76 2.02 -17.40
N PRO A 123 -14.68 2.83 -17.50
CA PRO A 123 -13.28 2.45 -17.70
C PRO A 123 -12.73 1.80 -16.43
N ARG A 124 -11.89 0.77 -16.56
CA ARG A 124 -11.33 0.06 -15.42
C ARG A 124 -9.84 -0.18 -15.55
N ILE A 125 -9.21 0.39 -16.57
CA ILE A 125 -7.78 0.30 -16.78
C ILE A 125 -7.27 1.71 -17.06
N PHE A 126 -6.22 2.13 -16.35
CA PHE A 126 -5.65 3.47 -16.52
C PHE A 126 -4.12 3.35 -16.54
N ARG A 127 -3.51 4.21 -17.35
CA ARG A 127 -2.06 4.19 -17.53
C ARG A 127 -1.48 5.52 -17.06
N ASP A 128 -0.23 5.47 -16.61
CA ASP A 128 0.56 6.67 -16.34
C ASP A 128 1.87 6.49 -17.09
N VAL A 129 2.02 7.18 -18.22
CA VAL A 129 3.12 6.86 -19.13
C VAL A 129 4.45 7.29 -18.54
N GLU A 130 4.46 8.43 -17.84
CA GLU A 130 5.71 8.95 -17.29
C GLU A 130 6.37 7.93 -16.36
N SER A 131 5.59 7.24 -15.55
CA SER A 131 6.12 6.27 -14.61
C SER A 131 6.07 4.85 -15.13
N ARG A 132 5.55 4.66 -16.34
CA ARG A 132 5.36 3.31 -16.89
C ARG A 132 4.58 2.44 -15.92
N SER A 133 3.42 2.95 -15.48
CA SER A 133 2.57 2.27 -14.52
C SER A 133 1.19 2.02 -15.10
N ILE A 134 0.53 0.99 -14.59
CA ILE A 134 -0.84 0.66 -14.93
C ILE A 134 -1.60 0.42 -13.63
N ILE A 135 -2.88 0.76 -13.63
CA ILE A 135 -3.78 0.35 -12.56
C ILE A 135 -5.04 -0.25 -13.21
N ASN A 136 -5.54 -1.35 -12.63
CA ASN A 136 -6.67 -2.04 -13.22
C ASN A 136 -7.59 -2.59 -12.15
N SER A 137 -8.90 -2.54 -12.43
CA SER A 137 -9.92 -3.23 -11.65
C SER A 137 -10.81 -4.02 -12.61
N CYS A 138 -10.21 -4.98 -13.31
CA CYS A 138 -10.96 -5.68 -14.36
C CYS A 138 -12.04 -6.57 -13.77
N GLY A 139 -11.68 -7.39 -12.78
CA GLY A 139 -12.63 -8.27 -12.15
C GLY A 139 -12.83 -9.62 -12.82
N PHE A 140 -11.76 -10.20 -13.35
CA PHE A 140 -11.78 -11.54 -13.93
C PHE A 140 -12.77 -11.62 -15.10
N ASN A 141 -12.68 -10.67 -16.02
CA ASN A 141 -13.49 -10.73 -17.22
C ASN A 141 -12.94 -11.81 -18.14
N ASN A 142 -13.79 -12.70 -18.62
CA ASN A 142 -13.34 -13.77 -19.50
C ASN A 142 -14.57 -14.51 -20.02
N MET A 143 -14.38 -15.24 -21.10
CA MET A 143 -15.47 -15.98 -21.75
C MET A 143 -15.88 -17.25 -21.01
N GLY A 144 -15.14 -17.65 -19.98
CA GLY A 144 -15.50 -18.81 -19.20
C GLY A 144 -14.73 -20.05 -19.61
N CYS A 145 -14.58 -20.97 -18.66
CA CYS A 145 -13.69 -22.12 -18.88
C CYS A 145 -14.00 -22.86 -20.16
N ASP A 146 -15.29 -23.06 -20.46
CA ASP A 146 -15.64 -23.95 -21.57
C ASP A 146 -15.28 -23.33 -22.90
N LYS A 147 -15.61 -22.06 -23.10
CA LYS A 147 -15.23 -21.39 -24.33
C LYS A 147 -13.71 -21.30 -24.47
N VAL A 148 -13.01 -20.91 -23.39
CA VAL A 148 -11.57 -20.73 -23.48
C VAL A 148 -10.88 -22.06 -23.74
N THR A 149 -11.39 -23.15 -23.15
CA THR A 149 -10.88 -24.47 -23.50
C THR A 149 -10.98 -24.73 -25.00
N GLU A 150 -12.10 -24.34 -25.63
CA GLU A 150 -12.23 -24.58 -27.06
C GLU A 150 -11.18 -23.79 -27.84
N ASN A 151 -10.92 -22.54 -27.42
CA ASN A 151 -9.85 -21.78 -28.05
C ASN A 151 -8.48 -22.44 -27.88
N LEU A 152 -8.20 -22.97 -26.68
CA LEU A 152 -6.91 -23.61 -26.47
C LEU A 152 -6.81 -24.93 -27.22
N ILE A 153 -7.91 -25.66 -27.37
CA ILE A 153 -7.87 -26.90 -28.15
C ILE A 153 -7.52 -26.59 -29.60
N LEU A 154 -8.03 -25.46 -30.11
CA LEU A 154 -7.73 -25.08 -31.49
C LEU A 154 -6.25 -24.77 -31.63
N PHE A 155 -5.67 -24.08 -30.65
CA PHE A 155 -4.24 -23.82 -30.70
C PHE A 155 -3.43 -25.11 -30.64
N ARG A 156 -3.77 -26.01 -29.73
CA ARG A 156 -3.04 -27.26 -29.63
C ARG A 156 -3.10 -28.07 -30.92
N LYS A 157 -4.24 -28.01 -31.64
CA LYS A 157 -4.32 -28.68 -32.94
C LYS A 157 -3.41 -28.01 -33.96
N ARG A 158 -3.39 -26.67 -33.97
CA ARG A 158 -2.44 -25.97 -34.85
C ARG A 158 -1.00 -26.30 -34.47
N GLN A 159 -0.72 -26.37 -33.18
CA GLN A 159 0.65 -26.63 -32.74
C GLN A 159 1.12 -28.00 -33.22
N GLU A 160 0.23 -28.98 -33.23
CA GLU A 160 0.60 -30.32 -33.66
C GLU A 160 0.99 -30.36 -35.13
N GLU A 161 0.64 -29.34 -35.91
CA GLU A 161 0.96 -29.27 -37.33
C GLU A 161 2.02 -28.22 -37.65
N ASP A 162 2.55 -27.52 -36.65
CA ASP A 162 3.55 -26.48 -36.86
C ASP A 162 4.74 -26.76 -35.96
N LYS A 163 5.90 -26.98 -36.58
CA LYS A 163 7.09 -27.32 -35.82
C LYS A 163 7.68 -26.13 -35.09
N LEU A 164 7.43 -24.91 -35.58
CA LEU A 164 7.97 -23.73 -34.94
C LEU A 164 7.28 -23.42 -33.61
N LEU A 165 6.16 -24.06 -33.32
CA LEU A 165 5.46 -23.84 -32.06
C LEU A 165 5.51 -25.05 -31.13
N SER A 166 6.23 -26.10 -31.50
CA SER A 166 6.17 -27.35 -30.74
C SER A 166 6.88 -27.27 -29.39
N LYS A 167 7.83 -26.34 -29.22
CA LYS A 167 8.52 -26.18 -27.95
C LYS A 167 7.97 -25.04 -27.10
N HIS A 168 6.94 -24.35 -27.57
CA HIS A 168 6.35 -23.26 -26.83
C HIS A 168 5.39 -23.80 -25.78
N ILE A 169 5.36 -23.15 -24.63
CA ILE A 169 4.63 -23.60 -23.45
C ILE A 169 3.44 -22.68 -23.21
N VAL A 170 2.31 -23.28 -22.84
CA VAL A 170 1.09 -22.54 -22.57
C VAL A 170 0.60 -22.98 -21.19
N GLY A 171 0.50 -22.01 -20.28
CA GLY A 171 -0.08 -22.27 -18.97
C GLY A 171 -1.46 -21.67 -18.84
N VAL A 172 -2.23 -22.12 -17.85
CA VAL A 172 -3.60 -21.65 -17.65
C VAL A 172 -3.72 -21.17 -16.20
N SER A 173 -4.11 -19.91 -16.02
CA SER A 173 -4.38 -19.36 -14.69
C SER A 173 -5.86 -19.56 -14.42
N ILE A 174 -6.19 -20.15 -13.27
CA ILE A 174 -7.58 -20.40 -12.90
C ILE A 174 -7.92 -19.65 -11.62
N GLY A 175 -9.16 -19.24 -11.52
CA GLY A 175 -9.68 -18.55 -10.34
C GLY A 175 -11.15 -18.90 -10.10
N LYS A 176 -11.88 -18.08 -9.37
CA LYS A 176 -13.28 -18.35 -9.06
C LYS A 176 -14.17 -17.23 -9.58
N ASN A 177 -15.42 -17.59 -9.85
CA ASN A 177 -16.43 -16.59 -10.12
C ASN A 177 -16.68 -15.74 -8.89
N LYS A 178 -17.07 -14.50 -9.12
CA LYS A 178 -17.25 -13.55 -8.03
C LYS A 178 -18.20 -14.08 -6.97
N ASP A 179 -19.29 -14.71 -7.38
CA ASP A 179 -20.33 -15.13 -6.43
C ASP A 179 -20.11 -16.54 -5.89
N THR A 180 -19.02 -17.20 -6.21
CA THR A 180 -18.80 -18.56 -5.74
C THR A 180 -18.36 -18.58 -4.28
N VAL A 181 -18.91 -19.52 -3.52
CA VAL A 181 -18.65 -19.58 -2.08
C VAL A 181 -17.34 -20.30 -1.80
N ASN A 182 -17.21 -21.54 -2.26
CA ASN A 182 -16.02 -22.37 -2.03
CA ASN A 182 -16.02 -22.37 -2.03
C ASN A 182 -15.18 -22.39 -3.29
N ILE A 183 -14.02 -21.73 -3.24
CA ILE A 183 -13.15 -21.63 -4.41
C ILE A 183 -12.75 -23.00 -4.95
N VAL A 184 -12.63 -24.00 -4.08
CA VAL A 184 -12.12 -25.28 -4.56
C VAL A 184 -13.04 -25.87 -5.61
N ASP A 185 -14.35 -25.70 -5.45
CA ASP A 185 -15.29 -26.18 -6.47
C ASP A 185 -14.96 -25.60 -7.84
N ASP A 186 -14.73 -24.29 -7.92
CA ASP A 186 -14.43 -23.65 -9.20
C ASP A 186 -13.08 -24.08 -9.75
N LEU A 187 -12.07 -24.21 -8.89
CA LEU A 187 -10.76 -24.69 -9.35
C LEU A 187 -10.88 -26.09 -9.93
N LYS A 188 -11.55 -26.99 -9.20
CA LYS A 188 -11.76 -28.34 -9.70
C LYS A 188 -12.47 -28.34 -11.05
N TYR A 189 -13.51 -27.52 -11.19
CA TYR A 189 -14.24 -27.47 -12.45
C TYR A 189 -13.32 -27.13 -13.60
N CYS A 190 -12.48 -26.11 -13.42
CA CYS A 190 -11.57 -25.70 -14.48
C CYS A 190 -10.56 -26.81 -14.79
N ILE A 191 -9.95 -27.39 -13.76
CA ILE A 191 -8.97 -28.45 -13.99
C ILE A 191 -9.58 -29.58 -14.80
N ASN A 192 -10.81 -29.98 -14.47
CA ASN A 192 -11.41 -31.12 -15.16
C ASN A 192 -11.76 -30.79 -16.61
N LYS A 193 -11.92 -29.52 -16.96
CA LYS A 193 -12.20 -29.14 -18.34
C LYS A 193 -10.94 -28.80 -19.15
N ILE A 194 -10.05 -27.96 -18.64
CA ILE A 194 -8.93 -27.46 -19.43
C ILE A 194 -7.60 -28.08 -19.05
N GLY A 195 -7.55 -28.90 -18.00
CA GLY A 195 -6.26 -29.29 -17.45
C GLY A 195 -5.43 -30.14 -18.40
N ARG A 196 -6.08 -31.00 -19.18
CA ARG A 196 -5.33 -31.89 -20.04
C ARG A 196 -4.68 -31.19 -21.23
N TYR A 197 -5.03 -29.94 -21.49
CA TYR A 197 -4.43 -29.13 -22.54
C TYR A 197 -3.45 -28.09 -22.00
N ALA A 198 -3.17 -28.11 -20.70
CA ALA A 198 -2.29 -27.14 -20.07
C ALA A 198 -0.94 -27.74 -19.75
N ASP A 199 0.12 -26.96 -19.97
CA ASP A 199 1.44 -27.40 -19.54
C ASP A 199 1.65 -27.14 -18.06
N TYR A 200 0.99 -26.12 -17.51
CA TYR A 200 0.98 -25.89 -16.08
C TYR A 200 -0.29 -25.13 -15.72
N ILE A 201 -0.70 -25.23 -14.47
CA ILE A 201 -1.88 -24.58 -13.93
C ILE A 201 -1.39 -23.58 -12.89
N ALA A 202 -1.82 -22.33 -13.00
CA ALA A 202 -1.49 -21.30 -12.04
C ALA A 202 -2.74 -21.02 -11.20
N ILE A 203 -2.62 -21.19 -9.89
CA ILE A 203 -3.72 -20.94 -8.98
C ILE A 203 -3.64 -19.48 -8.60
N ASN A 204 -4.64 -18.73 -9.03
CA ASN A 204 -4.66 -17.29 -8.80
C ASN A 204 -5.42 -17.03 -7.50
N VAL A 205 -4.68 -16.83 -6.42
CA VAL A 205 -5.27 -16.40 -5.15
C VAL A 205 -4.83 -14.98 -4.79
N SER A 206 -4.40 -14.20 -5.77
CA SER A 206 -3.77 -12.92 -5.49
C SER A 206 -4.36 -11.74 -6.24
N SER A 207 -5.43 -11.92 -7.01
CA SER A 207 -6.06 -10.76 -7.63
C SER A 207 -6.58 -9.84 -6.54
N PRO A 208 -6.32 -8.53 -6.61
CA PRO A 208 -6.93 -7.60 -5.65
C PRO A 208 -8.35 -7.14 -6.01
N ASN A 209 -8.96 -7.68 -7.07
CA ASN A 209 -10.21 -7.14 -7.61
C ASN A 209 -11.36 -8.14 -7.55
N THR A 210 -11.18 -9.28 -6.89
CA THR A 210 -12.27 -10.18 -6.55
C THR A 210 -12.39 -10.19 -5.03
N PRO A 211 -13.46 -9.66 -4.45
CA PRO A 211 -13.56 -9.58 -3.00
C PRO A 211 -13.22 -10.89 -2.30
N GLY A 212 -12.35 -10.81 -1.30
CA GLY A 212 -12.02 -11.96 -0.48
C GLY A 212 -11.12 -12.99 -1.11
N LEU A 213 -10.70 -12.81 -2.36
CA LEU A 213 -9.84 -13.81 -2.98
C LEU A 213 -8.51 -13.93 -2.24
N ARG A 214 -7.91 -12.78 -1.87
CA ARG A 214 -6.58 -12.80 -1.26
C ARG A 214 -6.57 -13.51 0.09
N ASP A 215 -7.73 -13.60 0.76
CA ASP A 215 -7.80 -14.28 2.04
C ASP A 215 -7.39 -15.74 1.92
N ASN A 216 -7.51 -16.34 0.74
CA ASN A 216 -7.09 -17.72 0.49
C ASN A 216 -5.57 -17.92 0.57
N GLN A 217 -4.81 -16.84 0.75
CA GLN A 217 -3.38 -16.96 0.99
C GLN A 217 -3.05 -17.32 2.42
N GLU A 218 -4.05 -17.34 3.31
CA GLU A 218 -3.84 -17.85 4.67
C GLU A 218 -3.44 -19.32 4.60
N ALA A 219 -2.55 -19.73 5.51
CA ALA A 219 -1.82 -20.98 5.34
C ALA A 219 -2.76 -22.18 5.23
N GLY A 220 -3.72 -22.30 6.15
CA GLY A 220 -4.56 -23.48 6.18
C GLY A 220 -5.50 -23.57 4.98
N LYS A 221 -6.05 -22.43 4.57
CA LYS A 221 -6.86 -22.42 3.35
C LYS A 221 -6.00 -22.76 2.14
N LEU A 222 -4.82 -22.14 2.04
CA LEU A 222 -3.98 -22.37 0.88
C LEU A 222 -3.58 -23.83 0.75
N LYS A 223 -3.23 -24.45 1.89
CA LYS A 223 -2.82 -25.84 1.88
C LYS A 223 -3.91 -26.71 1.27
N ASN A 224 -5.14 -26.54 1.74
CA ASN A 224 -6.24 -27.37 1.25
C ASN A 224 -6.48 -27.09 -0.23
N ILE A 225 -6.36 -25.83 -0.65
CA ILE A 225 -6.53 -25.51 -2.07
C ILE A 225 -5.50 -26.25 -2.91
N ILE A 226 -4.22 -26.19 -2.50
CA ILE A 226 -3.15 -26.81 -3.30
C ILE A 226 -3.37 -28.31 -3.40
N LEU A 227 -3.64 -28.98 -2.28
CA LEU A 227 -3.84 -30.42 -2.31
C LEU A 227 -5.05 -30.81 -3.13
N SER A 228 -6.13 -30.01 -3.05
CA SER A 228 -7.32 -30.27 -3.84
C SER A 228 -7.02 -30.17 -5.33
N VAL A 229 -6.34 -29.09 -5.73
CA VAL A 229 -5.95 -28.92 -7.12
C VAL A 229 -5.08 -30.09 -7.58
N LYS A 230 -4.06 -30.43 -6.79
CA LYS A 230 -3.17 -31.51 -7.21
C LYS A 230 -3.91 -32.85 -7.26
N GLU A 231 -4.83 -33.09 -6.33
CA GLU A 231 -5.57 -34.33 -6.34
C GLU A 231 -6.47 -34.39 -7.57
N GLU A 232 -7.01 -33.26 -8.00
CA GLU A 232 -7.88 -33.25 -9.17
C GLU A 232 -7.06 -33.48 -10.43
N ILE A 233 -5.89 -32.85 -10.53
CA ILE A 233 -5.00 -33.09 -11.67
C ILE A 233 -4.57 -34.55 -11.72
N ASP A 234 -4.25 -35.14 -10.57
CA ASP A 234 -3.79 -36.53 -10.55
C ASP A 234 -4.88 -37.52 -10.91
N ASN A 235 -6.16 -37.10 -10.79
CA ASN A 235 -7.28 -37.96 -11.11
C ASN A 235 -7.69 -37.87 -12.58
N LEU A 236 -7.17 -36.89 -13.32
CA LEU A 236 -7.56 -36.77 -14.72
C LEU A 236 -7.28 -38.06 -15.47
N GLU A 237 -6.17 -38.72 -15.16
CA GLU A 237 -5.82 -39.97 -15.83
C GLU A 237 -6.90 -41.03 -15.63
N LYS A 238 -7.20 -41.37 -14.37
CA LYS A 238 -8.20 -42.39 -14.07
C LYS A 238 -9.54 -42.05 -14.71
N ASN A 239 -10.01 -40.82 -14.50
CA ASN A 239 -11.30 -40.38 -15.04
C ASN A 239 -11.32 -40.36 -16.57
N ASN A 240 -10.18 -40.57 -17.22
CA ASN A 240 -10.08 -40.62 -18.69
C ASN A 240 -10.92 -39.54 -19.35
N LEU A 247 -3.48 -38.90 -23.80
CA LEU A 247 -4.32 -38.16 -22.88
C LEU A 247 -3.89 -36.70 -22.79
N TRP A 248 -2.59 -36.46 -22.64
CA TRP A 248 -2.07 -35.10 -22.41
C TRP A 248 -1.87 -34.41 -23.74
N PHE A 249 -2.79 -33.51 -24.09
CA PHE A 249 -2.76 -32.80 -25.36
C PHE A 249 -2.17 -31.41 -25.12
N ASN A 250 -0.89 -31.41 -24.80
CA ASN A 250 -0.16 -30.18 -24.46
C ASN A 250 1.25 -30.27 -25.03
N THR A 251 2.15 -29.43 -24.53
CA THR A 251 3.53 -29.45 -25.02
C THR A 251 4.36 -30.52 -24.32
N THR A 252 4.34 -30.55 -22.99
CA THR A 252 5.17 -31.50 -22.26
C THR A 252 4.76 -32.93 -22.55
N LYS A 253 3.52 -33.16 -22.92
CA LYS A 253 2.95 -34.51 -22.98
C LYS A 253 2.95 -35.15 -21.59
N LYS A 254 2.90 -34.32 -20.55
CA LYS A 254 2.83 -34.75 -19.17
C LYS A 254 1.73 -33.96 -18.45
N LYS A 255 1.37 -34.45 -17.27
CA LYS A 255 0.35 -33.75 -16.50
C LYS A 255 0.88 -32.38 -16.15
N PRO A 256 0.00 -31.37 -16.09
CA PRO A 256 0.48 -30.01 -15.85
C PRO A 256 1.07 -29.85 -14.45
N LEU A 257 2.15 -29.09 -14.37
CA LEU A 257 2.65 -28.62 -13.10
C LEU A 257 1.67 -27.64 -12.46
N VAL A 258 1.85 -27.38 -11.17
CA VAL A 258 0.97 -26.52 -10.39
C VAL A 258 1.79 -25.38 -9.83
N PHE A 259 1.47 -24.16 -10.22
CA PHE A 259 2.06 -22.97 -9.65
C PHE A 259 1.02 -22.21 -8.82
N VAL A 260 1.50 -21.37 -7.90
CA VAL A 260 0.64 -20.44 -7.17
C VAL A 260 1.15 -19.05 -7.46
N LYS A 261 0.24 -18.13 -7.74
CA LYS A 261 0.58 -16.72 -7.93
C LYS A 261 0.24 -15.96 -6.66
N LEU A 262 1.21 -15.24 -6.12
CA LEU A 262 1.10 -14.61 -4.82
C LEU A 262 1.03 -13.08 -4.95
N ALA A 263 0.38 -12.45 -3.99
CA ALA A 263 0.28 -11.01 -3.94
C ALA A 263 1.43 -10.45 -3.10
N PRO A 264 2.00 -9.31 -3.49
CA PRO A 264 3.12 -8.77 -2.71
C PRO A 264 2.70 -8.06 -1.43
N ASP A 265 1.41 -7.93 -1.17
CA ASP A 265 0.91 -7.17 -0.02
C ASP A 265 0.67 -8.11 1.15
N LEU A 266 1.76 -8.63 1.69
CA LEU A 266 1.74 -9.57 2.79
C LEU A 266 2.79 -9.13 3.79
N ASN A 267 2.61 -9.51 5.06
CA ASN A 267 3.65 -9.29 6.04
C ASN A 267 4.60 -10.49 6.11
N GLN A 268 5.63 -10.39 6.94
CA GLN A 268 6.67 -11.42 6.99
C GLN A 268 6.15 -12.73 7.58
N GLU A 269 5.25 -12.67 8.56
CA GLU A 269 4.72 -13.90 9.14
C GLU A 269 3.82 -14.63 8.15
N GLN A 270 3.09 -13.90 7.32
CA GLN A 270 2.27 -14.57 6.30
C GLN A 270 3.16 -15.22 5.25
N LYS A 271 4.21 -14.52 4.83
CA LYS A 271 5.10 -15.07 3.82
C LYS A 271 5.80 -16.33 4.32
N LYS A 272 6.24 -16.33 5.58
CA LYS A 272 6.85 -17.52 6.17
C LYS A 272 5.85 -18.68 6.27
N GLU A 273 4.61 -18.40 6.68
CA GLU A 273 3.60 -19.46 6.76
C GLU A 273 3.27 -20.04 5.37
N ILE A 274 3.22 -19.18 4.36
CA ILE A 274 2.98 -19.65 3.00
C ILE A 274 4.14 -20.53 2.56
N ALA A 275 5.36 -20.07 2.80
CA ALA A 275 6.54 -20.85 2.43
C ALA A 275 6.46 -22.25 3.03
N ASP A 276 6.17 -22.34 4.33
CA ASP A 276 6.11 -23.67 4.94
C ASP A 276 5.08 -24.56 4.26
N VAL A 277 3.95 -23.97 3.81
CA VAL A 277 2.91 -24.73 3.13
C VAL A 277 3.35 -25.16 1.74
N LEU A 278 4.04 -24.26 1.02
CA LEU A 278 4.55 -24.61 -0.30
C LEU A 278 5.54 -25.76 -0.22
N LEU A 279 6.31 -25.85 0.86
CA LEU A 279 7.26 -26.94 1.02
C LEU A 279 6.56 -28.25 1.34
N GLU A 280 5.54 -28.20 2.20
CA GLU A 280 4.83 -29.42 2.57
C GLU A 280 4.03 -29.97 1.41
N THR A 281 3.40 -29.10 0.61
CA THR A 281 2.51 -29.54 -0.46
C THR A 281 3.25 -29.82 -1.77
N ASN A 282 4.52 -29.47 -1.86
CA ASN A 282 5.32 -29.77 -3.04
C ASN A 282 4.81 -29.02 -4.26
N ILE A 283 4.49 -27.73 -4.10
CA ILE A 283 4.10 -26.91 -5.24
C ILE A 283 5.27 -26.85 -6.20
N ASP A 284 4.99 -26.85 -7.51
CA ASP A 284 6.07 -26.88 -8.49
C ASP A 284 6.73 -25.53 -8.72
N GLY A 285 6.06 -24.44 -8.37
CA GLY A 285 6.64 -23.12 -8.52
C GLY A 285 5.72 -22.05 -7.98
N MET A 286 6.27 -20.85 -7.84
CA MET A 286 5.49 -19.74 -7.31
C MET A 286 5.75 -18.54 -8.20
N ILE A 287 4.66 -17.88 -8.60
CA ILE A 287 4.70 -16.70 -9.45
C ILE A 287 4.71 -15.49 -8.53
N ILE A 288 5.81 -14.75 -8.54
CA ILE A 288 6.03 -13.61 -7.66
C ILE A 288 6.29 -12.41 -8.56
N SER A 289 5.29 -11.54 -8.77
CA SER A 289 4.03 -11.52 -8.00
C SER A 289 2.93 -10.78 -8.76
N ASN A 290 1.76 -10.66 -8.17
CA ASN A 290 0.63 -9.98 -8.80
C ASN A 290 0.76 -8.47 -8.55
N THR A 291 -0.31 -7.75 -8.85
CA THR A 291 -0.33 -6.31 -8.66
C THR A 291 -0.40 -5.94 -7.17
N THR A 292 -0.18 -4.66 -6.87
CA THR A 292 -0.05 -4.24 -5.49
C THR A 292 -1.00 -3.08 -5.18
N THR A 293 -1.26 -2.88 -3.90
CA THR A 293 -1.94 -1.71 -3.39
C THR A 293 -1.01 -0.81 -2.61
N GLN A 294 0.29 -1.05 -2.65
CA GLN A 294 1.27 -0.26 -1.92
C GLN A 294 1.88 0.86 -2.75
N ILE A 295 1.45 1.06 -3.99
CA ILE A 295 1.96 2.16 -4.81
C ILE A 295 0.89 3.23 -4.86
N ASN A 296 1.15 4.34 -4.18
CA ASN A 296 0.16 5.38 -4.00
C ASN A 296 0.72 6.79 -4.19
N ASP A 297 1.83 6.94 -4.91
CA ASP A 297 2.42 8.23 -5.20
C ASP A 297 2.24 8.61 -6.67
N ILE A 298 1.22 8.06 -7.32
CA ILE A 298 0.89 8.38 -8.70
C ILE A 298 -0.36 9.26 -8.66
N LYS A 299 -0.16 10.54 -8.93
CA LYS A 299 -1.23 11.51 -8.75
C LYS A 299 -2.51 11.08 -9.48
N SER A 300 -2.38 10.72 -10.77
CA SER A 300 -3.57 10.41 -11.57
C SER A 300 -4.26 9.11 -11.15
N PHE A 301 -3.68 8.32 -10.23
CA PHE A 301 -4.30 7.09 -9.78
C PHE A 301 -4.99 7.23 -8.42
N GLU A 302 -4.99 8.42 -7.84
CA GLU A 302 -5.38 8.55 -6.45
C GLU A 302 -6.85 8.21 -6.29
N ASN A 303 -7.17 7.51 -5.20
CA ASN A 303 -8.52 7.08 -4.84
C ASN A 303 -9.16 6.13 -5.86
N LYS A 304 -8.41 5.60 -6.82
CA LYS A 304 -8.96 4.67 -7.82
C LYS A 304 -8.92 3.25 -7.30
N LYS A 305 -9.81 2.42 -7.83
CA LYS A 305 -9.81 1.02 -7.48
C LYS A 305 -8.75 0.29 -8.28
N GLY A 306 -8.19 -0.73 -7.69
CA GLY A 306 -7.47 -1.76 -8.42
C GLY A 306 -6.06 -1.92 -7.92
N GLY A 307 -5.29 -2.71 -8.65
CA GLY A 307 -3.91 -3.00 -8.32
C GLY A 307 -3.02 -2.39 -9.37
N VAL A 308 -1.81 -1.97 -8.93
CA VAL A 308 -0.85 -1.25 -9.77
C VAL A 308 0.19 -2.23 -10.28
N SER A 309 0.58 -2.05 -11.55
CA SER A 309 1.64 -2.77 -12.22
C SER A 309 2.67 -1.79 -12.75
N GLY A 310 3.78 -2.32 -13.23
CA GLY A 310 4.75 -1.51 -13.94
C GLY A 310 6.03 -1.27 -13.17
N ALA A 311 6.78 -0.26 -13.62
CA ALA A 311 8.13 -0.03 -13.11
C ALA A 311 8.13 0.21 -11.60
N LYS A 312 7.10 0.86 -11.07
CA LYS A 312 7.07 1.15 -9.64
C LYS A 312 6.95 -0.12 -8.81
N LEU A 313 6.57 -1.23 -9.43
CA LEU A 313 6.43 -2.50 -8.73
C LEU A 313 7.72 -3.30 -8.70
N LYS A 314 8.74 -2.89 -9.45
CA LYS A 314 9.90 -3.75 -9.66
C LYS A 314 10.59 -4.07 -8.33
N ASP A 315 10.97 -3.04 -7.58
CA ASP A 315 11.76 -3.27 -6.38
C ASP A 315 10.94 -4.02 -5.34
N ILE A 316 9.66 -3.66 -5.19
CA ILE A 316 8.80 -4.35 -4.25
C ILE A 316 8.78 -5.85 -4.56
N SER A 317 8.60 -6.19 -5.84
CA SER A 317 8.43 -7.59 -6.21
C SER A 317 9.76 -8.33 -6.23
N THR A 318 10.87 -7.63 -6.51
CA THR A 318 12.18 -8.30 -6.42
C THR A 318 12.53 -8.64 -4.97
N LYS A 319 12.31 -7.70 -4.06
CA LYS A 319 12.48 -8.01 -2.65
C LYS A 319 11.63 -9.22 -2.26
N PHE A 320 10.41 -9.31 -2.79
CA PHE A 320 9.54 -10.43 -2.46
C PHE A 320 10.14 -11.76 -2.96
N ILE A 321 10.80 -11.74 -4.12
CA ILE A 321 11.48 -12.94 -4.61
C ILE A 321 12.56 -13.38 -3.64
N CYS A 322 13.43 -12.46 -3.27
CA CYS A 322 14.49 -12.79 -2.31
C CYS A 322 13.93 -13.38 -1.02
N GLU A 323 12.90 -12.75 -0.48
CA GLU A 323 12.34 -13.24 0.77
C GLU A 323 11.85 -14.67 0.63
N MET A 324 11.09 -14.97 -0.44
CA MET A 324 10.51 -16.32 -0.58
C MET A 324 11.55 -17.35 -0.99
N TYR A 325 12.53 -16.93 -1.80
CA TYR A 325 13.64 -17.83 -2.12
C TYR A 325 14.32 -18.32 -0.87
N ASN A 326 14.42 -17.48 0.16
CA ASN A 326 15.07 -17.86 1.41
CA ASN A 326 15.07 -17.88 1.40
C ASN A 326 14.12 -18.61 2.35
N TYR A 327 12.86 -18.17 2.42
CA TYR A 327 11.88 -18.86 3.24
C TYR A 327 11.61 -20.27 2.76
N THR A 328 11.68 -20.53 1.47
CA THR A 328 11.51 -21.88 0.95
C THR A 328 12.83 -22.61 0.74
N ASN A 329 13.94 -22.07 1.27
CA ASN A 329 15.23 -22.72 1.26
C ASN A 329 15.66 -23.08 -0.15
N LYS A 330 15.27 -22.30 -1.13
CA LYS A 330 15.65 -22.48 -2.52
C LYS A 330 15.04 -23.72 -3.14
N GLN A 331 14.04 -24.33 -2.50
CA GLN A 331 13.47 -25.57 -3.00
C GLN A 331 12.33 -25.37 -3.99
N ILE A 332 11.79 -24.15 -4.07
CA ILE A 332 10.63 -23.85 -4.91
C ILE A 332 11.01 -22.89 -6.03
N PRO A 333 10.96 -23.32 -7.29
CA PRO A 333 11.28 -22.42 -8.40
C PRO A 333 10.32 -21.24 -8.49
N ILE A 334 10.84 -20.15 -9.04
CA ILE A 334 10.15 -18.85 -8.99
C ILE A 334 10.01 -18.33 -10.41
N ILE A 335 8.80 -17.91 -10.76
CA ILE A 335 8.54 -17.17 -11.98
C ILE A 335 8.38 -15.71 -11.57
N ALA A 336 9.23 -14.84 -12.12
CA ALA A 336 9.18 -13.43 -11.74
C ALA A 336 8.12 -12.69 -12.55
N SER A 337 7.36 -11.83 -11.86
CA SER A 337 6.41 -10.92 -12.50
C SER A 337 6.43 -9.60 -11.75
N GLY A 338 6.68 -8.52 -12.48
CA GLY A 338 6.57 -7.20 -11.91
C GLY A 338 7.70 -6.25 -12.28
N GLY A 339 7.36 -5.27 -13.11
CA GLY A 339 8.29 -4.20 -13.43
C GLY A 339 9.43 -4.57 -14.33
N ILE A 340 9.33 -5.66 -15.09
CA ILE A 340 10.42 -6.10 -15.94
C ILE A 340 10.30 -5.44 -17.31
N PHE A 341 11.22 -4.54 -17.60
CA PHE A 341 11.29 -3.84 -18.88
C PHE A 341 12.59 -4.04 -19.64
N SER A 342 13.72 -4.21 -18.94
CA SER A 342 15.02 -4.31 -19.58
C SER A 342 15.68 -5.64 -19.26
N GLY A 343 16.79 -5.90 -19.95
CA GLY A 343 17.59 -7.07 -19.64
C GLY A 343 18.20 -7.01 -18.25
N LEU A 344 18.56 -5.80 -17.80
CA LEU A 344 19.04 -5.63 -16.45
C LEU A 344 17.95 -5.97 -15.43
N ASP A 345 16.73 -5.45 -15.63
CA ASP A 345 15.62 -5.83 -14.75
C ASP A 345 15.48 -7.33 -14.65
N ALA A 346 15.53 -8.02 -15.79
CA ALA A 346 15.35 -9.47 -15.79
C ALA A 346 16.49 -10.17 -15.07
N LEU A 347 17.73 -9.71 -15.28
CA LEU A 347 18.88 -10.30 -14.60
C LEU A 347 18.77 -10.10 -13.10
N GLU A 348 18.22 -8.96 -12.66
CA GLU A 348 18.01 -8.74 -11.23
C GLU A 348 17.03 -9.76 -10.67
N LYS A 349 15.96 -10.07 -11.41
CA LYS A 349 15.01 -11.06 -10.93
C LYS A 349 15.68 -12.42 -10.86
N ILE A 350 16.42 -12.78 -11.91
CA ILE A 350 17.10 -14.08 -11.95
C ILE A 350 18.10 -14.21 -10.81
N GLU A 351 18.96 -13.21 -10.66
CA GLU A 351 19.92 -13.28 -9.56
C GLU A 351 19.22 -13.35 -8.21
N ALA A 352 18.03 -12.77 -8.09
CA ALA A 352 17.29 -12.83 -6.85
C ALA A 352 16.72 -14.21 -6.58
N GLY A 353 16.55 -15.03 -7.62
CA GLY A 353 16.03 -16.36 -7.44
C GLY A 353 15.12 -16.89 -8.52
N ALA A 354 14.78 -16.06 -9.50
CA ALA A 354 13.82 -16.46 -10.52
C ALA A 354 14.50 -17.29 -11.61
N SER A 355 13.79 -18.32 -12.09
CA SER A 355 14.28 -19.09 -13.22
C SER A 355 13.71 -18.61 -14.54
N VAL A 356 12.62 -17.83 -14.52
CA VAL A 356 11.96 -17.35 -15.74
C VAL A 356 11.27 -16.04 -15.40
N CYS A 357 11.04 -15.23 -16.43
CA CYS A 357 10.40 -13.93 -16.26
C CYS A 357 9.13 -13.82 -17.08
N GLN A 358 8.12 -13.13 -16.53
CA GLN A 358 6.88 -12.83 -17.23
C GLN A 358 6.76 -11.32 -17.42
N LEU A 359 6.31 -10.94 -18.61
CA LEU A 359 6.11 -9.53 -18.94
C LEU A 359 4.63 -9.25 -19.13
N TYR A 360 4.23 -8.04 -18.80
CA TYR A 360 2.91 -7.50 -19.11
C TYR A 360 3.08 -6.02 -19.46
N SER A 361 3.38 -5.19 -18.46
CA SER A 361 3.50 -3.75 -18.69
C SER A 361 4.54 -3.43 -19.75
N CYS A 362 5.58 -4.25 -19.89
CA CYS A 362 6.57 -4.03 -20.94
C CYS A 362 5.92 -4.09 -22.32
N LEU A 363 4.97 -5.00 -22.52
CA LEU A 363 4.25 -5.03 -23.78
C LEU A 363 3.41 -3.77 -23.99
N VAL A 364 2.95 -3.14 -22.90
CA VAL A 364 2.10 -1.97 -23.05
C VAL A 364 2.92 -0.75 -23.44
N PHE A 365 4.11 -0.59 -22.85
CA PHE A 365 4.89 0.64 -23.02
C PHE A 365 6.02 0.51 -24.03
N ASN A 366 6.50 -0.70 -24.30
CA ASN A 366 7.49 -0.93 -25.33
C ASN A 366 6.92 -1.52 -26.61
N GLY A 367 5.82 -2.25 -26.51
CA GLY A 367 5.13 -2.73 -27.69
C GLY A 367 5.70 -3.98 -28.32
N MET A 368 5.69 -4.02 -29.66
CA MET A 368 6.00 -5.24 -30.38
C MET A 368 7.42 -5.71 -30.14
N LYS A 369 8.34 -4.78 -29.88
CA LYS A 369 9.76 -5.10 -29.75
C LYS A 369 10.13 -5.67 -28.38
N SER A 370 9.17 -5.82 -27.46
CA SER A 370 9.50 -6.18 -26.09
C SER A 370 10.36 -7.43 -26.01
N ALA A 371 9.93 -8.51 -26.65
CA ALA A 371 10.67 -9.76 -26.55
C ALA A 371 12.02 -9.67 -27.23
N VAL A 372 12.04 -9.26 -28.50
CA VAL A 372 13.30 -9.18 -29.23
C VAL A 372 14.31 -8.34 -28.47
N GLN A 373 13.88 -7.19 -27.99
CA GLN A 373 14.81 -6.25 -27.35
C GLN A 373 15.32 -6.80 -26.03
N ILE A 374 14.43 -7.32 -25.19
CA ILE A 374 14.85 -7.74 -23.86
C ILE A 374 15.71 -8.98 -23.94
N LYS A 375 15.47 -9.85 -24.92
CA LYS A 375 16.31 -11.03 -25.09
C LYS A 375 17.74 -10.63 -25.44
N ARG A 376 17.89 -9.72 -26.40
CA ARG A 376 19.22 -9.26 -26.79
C ARG A 376 19.92 -8.63 -25.60
N GLU A 377 19.22 -7.76 -24.87
CA GLU A 377 19.85 -7.10 -23.73
C GLU A 377 20.34 -8.11 -22.70
N LEU A 378 19.54 -9.13 -22.40
CA LEU A 378 19.95 -10.12 -21.40
C LEU A 378 21.17 -10.90 -21.86
N ASN A 379 21.17 -11.33 -23.13
CA ASN A 379 22.33 -12.03 -23.68
C ASN A 379 23.59 -11.20 -23.54
N HIS A 380 23.52 -9.91 -23.88
CA HIS A 380 24.67 -9.04 -23.67
C HIS A 380 25.10 -9.00 -22.22
N LEU A 381 24.14 -8.90 -21.29
CA LEU A 381 24.48 -8.81 -19.88
C LEU A 381 25.11 -10.11 -19.37
N LEU A 382 24.56 -11.26 -19.76
CA LEU A 382 25.16 -12.52 -19.36
C LEU A 382 26.62 -12.61 -19.81
N TYR A 383 26.88 -12.22 -21.06
CA TYR A 383 28.25 -12.20 -21.56
C TYR A 383 29.12 -11.23 -20.78
N GLN A 384 28.59 -10.06 -20.45
CA GLN A 384 29.38 -9.05 -19.74
C GLN A 384 29.70 -9.49 -18.32
N ARG A 385 28.73 -10.09 -17.63
CA ARG A 385 28.90 -10.40 -16.22
C ARG A 385 29.72 -11.66 -15.96
N GLY A 386 30.17 -12.34 -17.01
CA GLY A 386 30.94 -13.54 -16.83
C GLY A 386 30.16 -14.80 -16.55
N TYR A 387 28.86 -14.81 -16.84
CA TYR A 387 28.07 -16.02 -16.68
C TYR A 387 28.22 -16.93 -17.89
N TYR A 388 28.43 -18.21 -17.63
CA TYR A 388 28.44 -19.17 -18.72
C TYR A 388 27.07 -19.27 -19.36
N ASN A 389 26.02 -19.38 -18.54
CA ASN A 389 24.66 -19.47 -19.03
C ASN A 389 23.74 -18.82 -18.01
N LEU A 390 22.45 -18.78 -18.33
CA LEU A 390 21.48 -18.15 -17.45
C LEU A 390 21.28 -18.96 -16.17
N LYS A 391 21.23 -20.28 -16.28
CA LYS A 391 21.03 -21.10 -15.08
C LYS A 391 22.09 -20.81 -14.04
N GLU A 392 23.32 -20.50 -14.46
CA GLU A 392 24.37 -20.23 -13.50
C GLU A 392 24.07 -18.99 -12.68
N ALA A 393 23.29 -18.06 -13.23
CA ALA A 393 23.01 -16.80 -12.54
C ALA A 393 21.87 -16.92 -11.54
N ILE A 394 21.09 -18.01 -11.59
CA ILE A 394 19.88 -18.07 -10.77
C ILE A 394 20.29 -18.04 -9.30
N GLY A 395 19.78 -17.05 -8.57
CA GLY A 395 20.02 -16.97 -7.15
C GLY A 395 21.40 -16.55 -6.73
N ARG A 396 22.20 -16.01 -7.65
CA ARG A 396 23.59 -15.71 -7.31
C ARG A 396 23.70 -14.52 -6.36
N LYS A 397 22.72 -13.61 -6.35
CA LYS A 397 22.73 -12.53 -5.37
C LYS A 397 22.89 -13.10 -3.95
N HIS A 398 22.29 -14.25 -3.68
CA HIS A 398 22.30 -14.84 -2.35
C HIS A 398 23.56 -15.65 -2.09
N TYR B 23 -18.85 10.92 37.91
CA TYR B 23 -18.98 11.43 36.54
C TYR B 23 -17.71 11.12 35.76
N ASN B 24 -17.53 9.86 35.39
CA ASN B 24 -16.33 9.40 34.69
C ASN B 24 -16.64 9.11 33.22
N PRO B 25 -15.61 9.06 32.37
CA PRO B 25 -15.87 8.86 30.93
C PRO B 25 -16.51 7.52 30.60
N GLU B 26 -16.46 6.54 31.49
CA GLU B 26 -17.00 5.21 31.24
C GLU B 26 -18.47 5.09 31.66
N PHE B 27 -19.09 6.19 32.05
CA PHE B 27 -20.52 6.21 32.34
C PHE B 27 -21.30 5.68 31.14
N PHE B 28 -22.07 4.61 31.38
CA PHE B 28 -22.69 3.87 30.29
C PHE B 28 -23.60 4.72 29.42
N LEU B 29 -24.13 5.84 29.94
CA LEU B 29 -25.02 6.66 29.13
C LEU B 29 -24.33 7.16 27.89
N TYR B 30 -23.03 7.46 27.97
CA TYR B 30 -22.31 7.94 26.81
C TYR B 30 -22.19 6.85 25.74
N ASP B 31 -22.02 5.59 26.17
CA ASP B 31 -21.99 4.49 25.22
C ASP B 31 -23.28 4.38 24.44
N ILE B 32 -24.41 4.70 25.07
CA ILE B 32 -25.69 4.66 24.37
C ILE B 32 -25.80 5.82 23.39
N PHE B 33 -25.35 7.00 23.79
CA PHE B 33 -25.35 8.14 22.88
C PHE B 33 -24.43 7.88 21.70
N LEU B 34 -23.29 7.23 21.94
CA LEU B 34 -22.36 6.92 20.87
C LEU B 34 -22.99 6.00 19.83
N LYS B 35 -23.64 4.94 20.28
CA LYS B 35 -24.22 3.99 19.33
C LYS B 35 -25.32 4.64 18.51
N PHE B 36 -26.12 5.53 19.12
CA PHE B 36 -27.15 6.23 18.36
C PHE B 36 -26.52 7.18 17.34
N CYS B 37 -25.46 7.89 17.76
CA CYS B 37 -24.79 8.80 16.84
C CYS B 37 -24.20 8.03 15.67
N LEU B 38 -23.53 6.92 15.95
CA LEU B 38 -22.86 6.18 14.88
C LEU B 38 -23.83 5.62 13.85
N LYS B 39 -25.09 5.39 14.23
CA LYS B 39 -26.05 4.79 13.33
C LYS B 39 -26.96 5.78 12.64
N TYR B 40 -27.21 6.96 13.23
CA TYR B 40 -28.23 7.84 12.71
C TYR B 40 -27.85 9.30 12.53
N ILE B 41 -26.64 9.70 12.88
CA ILE B 41 -26.25 11.11 12.85
C ILE B 41 -25.07 11.31 11.93
N ASP B 42 -25.10 12.39 11.17
CA ASP B 42 -23.99 12.73 10.27
C ASP B 42 -22.71 12.92 11.07
N GLY B 43 -21.58 12.56 10.46
CA GLY B 43 -20.31 12.55 11.18
C GLY B 43 -19.89 13.91 11.69
N GLU B 44 -19.98 14.94 10.85
CA GLU B 44 -19.58 16.26 11.30
C GLU B 44 -20.51 16.81 12.37
N ILE B 45 -21.81 16.47 12.29
CA ILE B 45 -22.72 16.90 13.36
C ILE B 45 -22.38 16.21 14.67
N CYS B 46 -22.00 14.93 14.61
CA CYS B 46 -21.52 14.26 15.82
C CYS B 46 -20.32 14.99 16.39
N HIS B 47 -19.36 15.33 15.53
CA HIS B 47 -18.17 16.04 15.98
C HIS B 47 -18.55 17.37 16.58
N ASP B 48 -19.39 18.14 15.88
CA ASP B 48 -19.76 19.45 16.37
C ASP B 48 -20.50 19.33 17.70
N LEU B 49 -21.31 18.29 17.84
CA LEU B 49 -22.02 18.08 19.11
C LEU B 49 -21.03 17.81 20.24
N PHE B 50 -20.03 16.96 20.01
CA PHE B 50 -19.01 16.70 21.02
C PHE B 50 -18.32 18.00 21.41
N LEU B 51 -17.93 18.81 20.42
CA LEU B 51 -17.27 20.07 20.71
C LEU B 51 -18.18 21.02 21.47
N LEU B 52 -19.48 20.98 21.17
CA LEU B 52 -20.42 21.83 21.90
C LEU B 52 -20.51 21.42 23.36
N LEU B 53 -20.54 20.11 23.64
CA LEU B 53 -20.61 19.68 25.03
C LEU B 53 -19.37 20.09 25.81
N GLY B 54 -18.19 19.91 25.23
CA GLY B 54 -16.97 20.34 25.89
C GLY B 54 -16.87 21.84 26.05
N LYS B 55 -17.37 22.59 25.07
CA LYS B 55 -17.35 24.05 25.16
C LYS B 55 -18.00 24.54 26.44
N TYR B 56 -19.10 23.90 26.86
CA TYR B 56 -19.82 24.29 28.07
C TYR B 56 -19.40 23.49 29.30
N ASN B 57 -18.29 22.78 29.23
CA ASN B 57 -17.73 22.08 30.39
C ASN B 57 -18.74 21.14 31.01
N ILE B 58 -19.42 20.36 30.16
CA ILE B 58 -20.33 19.32 30.62
C ILE B 58 -19.82 17.93 30.34
N LEU B 59 -18.65 17.79 29.75
CA LEU B 59 -18.15 16.47 29.44
C LEU B 59 -17.60 15.78 30.69
N PRO B 60 -17.64 14.45 30.72
CA PRO B 60 -17.03 13.73 31.84
C PRO B 60 -15.54 14.01 31.92
N TYR B 61 -14.96 13.64 33.07
CA TYR B 61 -13.57 13.93 33.36
C TYR B 61 -12.96 12.73 34.09
N ASP B 62 -11.67 12.51 33.84
CA ASP B 62 -10.89 11.45 34.49
C ASP B 62 -9.61 12.09 34.99
N THR B 63 -9.62 12.53 36.24
CA THR B 63 -8.46 13.12 36.89
C THR B 63 -7.69 12.11 37.75
N SER B 64 -7.98 10.81 37.58
CA SER B 64 -7.21 9.80 38.29
C SER B 64 -5.76 9.83 37.84
N ASN B 65 -4.85 9.67 38.80
CA ASN B 65 -3.43 9.77 38.49
C ASN B 65 -2.99 8.66 37.54
N ASP B 66 -2.09 8.98 36.63
CA ASP B 66 -1.62 8.04 35.63
C ASP B 66 -0.37 7.30 36.11
N SER B 67 -0.19 6.09 35.59
CA SER B 67 0.96 5.28 35.96
C SER B 67 2.26 5.99 35.65
N ILE B 68 3.14 6.06 36.64
CA ILE B 68 4.46 6.63 36.40
C ILE B 68 5.29 5.73 35.49
N TYR B 69 4.91 4.47 35.33
CA TYR B 69 5.61 3.56 34.43
C TYR B 69 5.17 3.71 32.98
N ALA B 70 4.16 4.52 32.71
CA ALA B 70 3.70 4.77 31.35
C ALA B 70 4.00 6.19 30.88
N CYS B 71 4.73 6.97 31.68
CA CYS B 71 5.19 8.27 31.23
CA CYS B 71 5.19 8.28 31.25
C CYS B 71 6.19 8.12 30.09
N THR B 72 6.32 9.18 29.31
CA THR B 72 7.26 9.18 28.19
C THR B 72 7.62 10.63 27.89
N ASN B 73 8.69 10.80 27.11
CA ASN B 73 9.20 12.13 26.80
C ASN B 73 9.73 12.18 25.38
N ILE B 74 9.63 13.36 24.77
CA ILE B 74 10.33 13.71 23.54
C ILE B 74 11.18 14.93 23.88
N LYS B 75 12.48 14.73 24.04
CA LYS B 75 13.41 15.77 24.48
C LYS B 75 12.89 16.29 25.81
N HIS B 76 12.72 17.60 25.98
CA HIS B 76 12.25 18.16 27.25
C HIS B 76 10.73 18.16 27.39
N LEU B 77 10.01 17.56 26.44
CA LEU B 77 8.57 17.40 26.56
C LEU B 77 8.28 16.16 27.39
N ASP B 78 7.73 16.34 28.59
CA ASP B 78 7.41 15.26 29.51
C ASP B 78 5.92 14.98 29.48
N PHE B 79 5.52 13.89 28.83
CA PHE B 79 4.12 13.48 28.77
C PHE B 79 3.77 12.63 29.98
N ILE B 80 2.68 12.99 30.67
CA ILE B 80 2.28 12.25 31.87
C ILE B 80 1.76 10.87 31.51
N ASN B 81 1.30 10.69 30.28
CA ASN B 81 0.90 9.39 29.77
C ASN B 81 1.11 9.43 28.26
N PRO B 82 1.04 8.30 27.59
CA PRO B 82 1.51 8.28 26.20
C PRO B 82 0.44 8.51 25.14
N PHE B 83 -0.68 9.12 25.52
CA PHE B 83 -1.81 9.25 24.62
C PHE B 83 -2.25 10.70 24.50
N GLY B 84 -2.27 11.21 23.27
CA GLY B 84 -2.78 12.53 22.99
C GLY B 84 -3.83 12.49 21.88
N VAL B 85 -4.37 13.66 21.59
CA VAL B 85 -5.37 13.80 20.54
C VAL B 85 -4.70 14.38 19.29
N ALA B 86 -4.91 13.71 18.15
CA ALA B 86 -4.29 14.14 16.90
C ALA B 86 -4.87 15.47 16.42
N ALA B 87 -4.17 16.07 15.48
CA ALA B 87 -4.62 17.31 14.86
C ALA B 87 -5.89 17.04 14.07
N GLY B 88 -6.68 18.09 13.92
CA GLY B 88 -7.93 18.02 13.19
C GLY B 88 -9.14 17.75 14.04
N PHE B 89 -8.96 17.28 15.28
CA PHE B 89 -10.08 17.01 16.17
C PHE B 89 -10.58 18.30 16.80
N ASP B 90 -9.67 19.10 17.35
CA ASP B 90 -9.98 20.45 17.84
C ASP B 90 -9.21 21.44 16.96
N LYS B 91 -9.74 21.69 15.76
CA LYS B 91 -9.03 22.53 14.81
CA LYS B 91 -9.02 22.53 14.80
C LYS B 91 -8.86 23.96 15.32
N ASN B 92 -9.82 24.45 16.10
CA ASN B 92 -9.80 25.85 16.51
C ASN B 92 -9.44 26.07 17.98
N GLY B 93 -9.08 25.01 18.69
CA GLY B 93 -8.69 25.17 20.08
C GLY B 93 -9.77 25.74 20.96
N VAL B 94 -11.02 25.33 20.74
CA VAL B 94 -12.14 25.81 21.53
C VAL B 94 -12.59 24.78 22.58
N CYS B 95 -11.86 23.69 22.72
CA CYS B 95 -12.29 22.58 23.55
C CYS B 95 -11.11 21.89 24.21
N ILE B 96 -10.04 22.64 24.50
CA ILE B 96 -8.78 22.02 24.92
C ILE B 96 -8.93 21.38 26.29
N ASP B 97 -9.43 22.16 27.26
CA ASP B 97 -9.51 21.67 28.63
C ASP B 97 -10.33 20.38 28.70
N SER B 98 -11.55 20.41 28.15
CA SER B 98 -12.43 19.25 28.22
C SER B 98 -11.79 18.02 27.60
N ILE B 99 -11.15 18.17 26.43
CA ILE B 99 -10.54 17.03 25.77
C ILE B 99 -9.41 16.49 26.61
N LEU B 100 -8.52 17.37 27.09
CA LEU B 100 -7.41 16.93 27.94
C LEU B 100 -7.93 16.19 29.16
N LYS B 101 -8.92 16.77 29.85
CA LYS B 101 -9.44 16.17 31.08
C LYS B 101 -10.21 14.88 30.85
N LEU B 102 -10.36 14.43 29.60
CA LEU B 102 -10.87 13.09 29.35
C LEU B 102 -9.82 12.01 29.58
N GLY B 103 -8.57 12.42 29.86
CA GLY B 103 -7.54 11.48 30.22
C GLY B 103 -6.32 11.54 29.35
N PHE B 104 -6.26 12.52 28.45
CA PHE B 104 -5.15 12.65 27.52
C PHE B 104 -4.06 13.52 28.10
N SER B 105 -2.82 13.26 27.66
CA SER B 105 -1.67 14.01 28.14
C SER B 105 -1.34 15.22 27.27
N PHE B 106 -1.80 15.25 26.03
CA PHE B 106 -1.55 16.40 25.16
C PHE B 106 -2.57 16.38 24.02
N ILE B 107 -2.61 17.52 23.31
CA ILE B 107 -3.47 17.69 22.16
C ILE B 107 -2.74 18.56 21.15
N GLU B 108 -2.93 18.25 19.86
CA GLU B 108 -2.40 19.02 18.75
C GLU B 108 -3.58 19.75 18.13
N ILE B 109 -3.63 21.07 18.31
CA ILE B 109 -4.70 21.85 17.68
C ILE B 109 -4.27 22.18 16.26
N GLY B 110 -5.21 22.62 15.44
CA GLY B 110 -4.96 22.81 14.03
C GLY B 110 -5.52 21.64 13.26
N THR B 111 -5.12 21.55 11.99
CA THR B 111 -4.18 22.44 11.36
C THR B 111 -4.76 23.83 11.09
N ILE B 112 -4.01 24.87 11.46
CA ILE B 112 -4.45 26.22 11.22
C ILE B 112 -3.73 26.75 9.98
N THR B 113 -4.34 27.75 9.35
CA THR B 113 -3.76 28.53 8.27
C THR B 113 -3.83 30.01 8.62
N PRO B 114 -3.03 30.86 7.95
CA PRO B 114 -3.03 32.29 8.33
C PRO B 114 -4.41 32.91 8.27
N ARG B 115 -5.10 32.81 7.14
CA ARG B 115 -6.47 33.26 6.99
C ARG B 115 -7.42 32.09 7.21
N GLY B 116 -8.61 32.41 7.72
CA GLY B 116 -9.59 31.37 7.96
C GLY B 116 -10.04 30.69 6.69
N GLN B 117 -10.53 29.46 6.83
CA GLN B 117 -11.12 28.79 5.67
C GLN B 117 -12.32 27.97 6.09
N THR B 118 -13.34 27.91 5.22
CA THR B 118 -14.48 27.03 5.44
C THR B 118 -14.26 25.62 4.90
N GLY B 119 -13.31 25.44 4.01
CA GLY B 119 -13.01 24.13 3.47
C GLY B 119 -13.88 23.75 2.30
N ASN B 120 -13.84 22.45 1.98
CA ASN B 120 -14.56 21.90 0.84
C ASN B 120 -16.04 21.72 1.17
N ALA B 121 -16.85 21.56 0.13
CA ALA B 121 -18.28 21.44 0.30
C ALA B 121 -18.64 20.23 1.15
N LYS B 122 -19.69 20.38 1.98
CA LYS B 122 -20.25 19.26 2.72
C LYS B 122 -21.28 18.50 1.88
N PRO B 123 -21.48 17.20 2.13
CA PRO B 123 -20.86 16.37 3.17
C PRO B 123 -19.43 16.02 2.75
N ARG B 124 -18.50 15.99 3.70
CA ARG B 124 -17.09 15.78 3.38
C ARG B 124 -16.41 14.83 4.35
N ILE B 125 -17.16 14.17 5.23
CA ILE B 125 -16.63 13.20 6.18
C ILE B 125 -17.59 12.02 6.22
N PHE B 126 -17.07 10.81 6.07
CA PHE B 126 -17.92 9.61 6.03
C PHE B 126 -17.27 8.52 6.87
N ARG B 127 -18.11 7.76 7.57
CA ARG B 127 -17.68 6.67 8.44
C ARG B 127 -17.99 5.33 7.79
N ASP B 128 -17.23 4.32 8.20
CA ASP B 128 -17.53 2.91 7.90
C ASP B 128 -17.32 2.19 9.23
N VAL B 129 -18.40 2.02 10.00
CA VAL B 129 -18.28 1.40 11.32
C VAL B 129 -17.83 -0.05 11.18
N GLU B 130 -18.26 -0.71 10.11
CA GLU B 130 -17.85 -2.10 9.86
C GLU B 130 -16.34 -2.27 9.97
N SER B 131 -15.59 -1.32 9.45
CA SER B 131 -14.14 -1.40 9.46
C SER B 131 -13.50 -0.37 10.37
N ARG B 132 -14.29 0.31 11.21
CA ARG B 132 -13.79 1.36 12.09
C ARG B 132 -12.88 2.34 11.33
N SER B 133 -13.38 2.82 10.19
CA SER B 133 -12.59 3.66 9.31
C SER B 133 -13.37 4.89 8.88
N ILE B 134 -12.62 5.92 8.50
CA ILE B 134 -13.16 7.22 8.13
C ILE B 134 -12.45 7.72 6.87
N ILE B 135 -13.17 8.51 6.07
CA ILE B 135 -12.59 9.17 4.90
C ILE B 135 -13.06 10.61 4.92
N ASN B 136 -12.13 11.54 4.75
CA ASN B 136 -12.49 12.95 4.82
C ASN B 136 -11.82 13.75 3.72
N SER B 137 -12.53 14.79 3.26
CA SER B 137 -11.96 15.80 2.38
C SER B 137 -12.34 17.17 2.93
N CYS B 138 -11.87 17.48 4.14
CA CYS B 138 -12.27 18.72 4.80
C CYS B 138 -11.66 19.93 4.12
N GLY B 139 -10.33 19.94 3.95
CA GLY B 139 -9.67 21.07 3.29
C GLY B 139 -9.22 22.21 4.20
N PHE B 140 -8.77 21.88 5.39
CA PHE B 140 -8.19 22.85 6.32
C PHE B 140 -9.22 23.91 6.71
N ASN B 141 -10.41 23.45 7.11
CA ASN B 141 -11.40 24.36 7.66
C ASN B 141 -10.98 24.80 9.07
N ASN B 142 -10.80 26.12 9.25
CA ASN B 142 -10.41 26.64 10.56
C ASN B 142 -10.64 28.14 10.55
N MET B 143 -10.62 28.73 11.75
CA MET B 143 -10.98 30.13 11.93
C MET B 143 -9.85 31.09 11.62
N GLY B 144 -8.65 30.57 11.37
CA GLY B 144 -7.49 31.36 11.02
C GLY B 144 -6.56 31.58 12.21
N CYS B 145 -5.30 31.83 11.89
CA CYS B 145 -4.27 31.83 12.92
C CYS B 145 -4.60 32.81 14.05
N ASP B 146 -5.16 33.96 13.73
CA ASP B 146 -5.36 34.99 14.75
C ASP B 146 -6.50 34.64 15.69
N LYS B 147 -7.63 34.16 15.15
CA LYS B 147 -8.72 33.73 16.02
C LYS B 147 -8.29 32.54 16.89
N VAL B 148 -7.56 31.59 16.32
CA VAL B 148 -7.16 30.41 17.08
C VAL B 148 -6.12 30.79 18.12
N THR B 149 -5.24 31.72 17.81
CA THR B 149 -4.28 32.21 18.81
C THR B 149 -5.01 32.73 20.05
N GLU B 150 -6.08 33.48 19.86
CA GLU B 150 -6.79 34.03 21.02
C GLU B 150 -7.45 32.92 21.83
N ASN B 151 -7.98 31.90 21.18
CA ASN B 151 -8.51 30.76 21.92
C ASN B 151 -7.41 30.05 22.73
N LEU B 152 -6.20 29.95 22.16
CA LEU B 152 -5.12 29.29 22.88
C LEU B 152 -4.64 30.12 24.06
N ILE B 153 -4.53 31.45 23.88
CA ILE B 153 -4.15 32.34 24.97
C ILE B 153 -5.13 32.22 26.12
N LEU B 154 -6.41 32.04 25.82
CA LEU B 154 -7.39 31.89 26.89
C LEU B 154 -7.16 30.59 27.65
N PHE B 155 -6.80 29.52 26.95
CA PHE B 155 -6.49 28.27 27.63
C PHE B 155 -5.23 28.41 28.48
N ARG B 156 -4.19 29.06 27.95
CA ARG B 156 -2.96 29.23 28.71
C ARG B 156 -3.21 30.03 29.98
N LYS B 157 -4.14 31.00 29.92
CA LYS B 157 -4.47 31.78 31.11
C LYS B 157 -5.19 30.90 32.14
N ARG B 158 -6.10 30.06 31.67
CA ARG B 158 -6.77 29.14 32.59
C ARG B 158 -5.80 28.11 33.14
N GLN B 159 -4.86 27.65 32.31
CA GLN B 159 -3.89 26.64 32.76
C GLN B 159 -3.00 27.20 33.86
N GLU B 160 -2.69 28.50 33.79
CA GLU B 160 -1.85 29.13 34.80
C GLU B 160 -2.55 29.25 36.15
N GLU B 161 -3.86 28.99 36.22
CA GLU B 161 -4.60 29.06 37.47
C GLU B 161 -5.09 27.69 37.94
N ASP B 162 -4.80 26.63 37.20
CA ASP B 162 -5.28 25.28 37.51
C ASP B 162 -4.09 24.33 37.50
N LYS B 163 -3.71 23.85 38.69
CA LYS B 163 -2.59 22.92 38.77
C LYS B 163 -2.88 21.63 38.01
N LEU B 164 -4.16 21.24 37.90
CA LEU B 164 -4.51 20.00 37.23
C LEU B 164 -4.28 20.03 35.73
N LEU B 165 -3.89 21.16 35.16
CA LEU B 165 -3.60 21.26 33.75
C LEU B 165 -2.17 21.71 33.49
N SER B 166 -1.35 21.87 34.54
CA SER B 166 -0.04 22.49 34.38
C SER B 166 0.96 21.62 33.64
N LYS B 167 0.79 20.31 33.64
CA LYS B 167 1.71 19.41 32.96
C LYS B 167 1.18 18.90 31.62
N HIS B 168 0.00 19.33 31.20
CA HIS B 168 -0.54 18.95 29.90
C HIS B 168 0.09 19.78 28.79
N ILE B 169 0.29 19.15 27.64
CA ILE B 169 1.03 19.75 26.55
C ILE B 169 0.08 20.08 25.41
N VAL B 170 0.28 21.24 24.78
CA VAL B 170 -0.50 21.65 23.62
C VAL B 170 0.46 22.00 22.49
N GLY B 171 0.35 21.28 21.38
CA GLY B 171 1.06 21.61 20.16
C GLY B 171 0.14 22.31 19.17
N VAL B 172 0.76 22.88 18.12
CA VAL B 172 0.00 23.56 17.09
C VAL B 172 0.46 23.05 15.73
N SER B 173 -0.48 22.51 14.95
CA SER B 173 -0.22 22.10 13.58
C SER B 173 -0.47 23.31 12.69
N ILE B 174 0.47 23.56 11.77
CA ILE B 174 0.37 24.70 10.87
C ILE B 174 0.46 24.24 9.41
N GLY B 175 -0.28 24.92 8.56
CA GLY B 175 -0.28 24.59 7.13
C GLY B 175 -0.45 25.83 6.30
N LYS B 176 -0.92 25.71 5.06
CA LYS B 176 -1.05 26.88 4.21
C LYS B 176 -2.49 27.02 3.73
N ASN B 177 -2.85 28.26 3.44
CA ASN B 177 -4.10 28.51 2.74
C ASN B 177 -4.05 27.89 1.35
N LYS B 178 -5.22 27.51 0.84
CA LYS B 178 -5.29 26.80 -0.43
C LYS B 178 -4.65 27.58 -1.56
N ASP B 179 -4.79 28.92 -1.55
CA ASP B 179 -4.34 29.74 -2.66
C ASP B 179 -2.92 30.26 -2.50
N THR B 180 -2.33 30.13 -1.32
CA THR B 180 -0.97 30.63 -1.10
C THR B 180 0.01 29.95 -2.03
N VAL B 181 0.89 30.75 -2.62
CA VAL B 181 1.88 30.22 -3.56
C VAL B 181 3.06 29.61 -2.81
N ASN B 182 3.68 30.38 -1.90
CA ASN B 182 4.88 29.96 -1.17
C ASN B 182 4.51 29.59 0.25
N ILE B 183 4.53 28.28 0.53
CA ILE B 183 4.07 27.77 1.81
C ILE B 183 4.87 28.36 2.95
N VAL B 184 6.16 28.65 2.73
CA VAL B 184 6.99 29.17 3.82
C VAL B 184 6.43 30.48 4.37
N ASP B 185 5.80 31.29 3.54
CA ASP B 185 5.25 32.55 4.03
C ASP B 185 4.12 32.31 5.04
N ASP B 186 3.26 31.33 4.76
CA ASP B 186 2.17 31.02 5.69
C ASP B 186 2.72 30.43 6.97
N LEU B 187 3.76 29.60 6.87
CA LEU B 187 4.30 28.96 8.07
C LEU B 187 4.95 29.98 8.96
N LYS B 188 5.72 30.90 8.39
CA LYS B 188 6.29 31.98 9.19
C LYS B 188 5.21 32.82 9.86
N TYR B 189 4.13 33.14 9.12
CA TYR B 189 3.06 33.98 9.68
C TYR B 189 2.48 33.33 10.92
N CYS B 190 2.22 32.03 10.85
CA CYS B 190 1.65 31.33 11.99
C CYS B 190 2.65 31.28 13.14
N ILE B 191 3.94 31.06 12.83
CA ILE B 191 4.94 30.95 13.88
C ILE B 191 5.02 32.24 14.67
N ASN B 192 5.01 33.37 13.96
CA ASN B 192 5.16 34.65 14.61
C ASN B 192 3.95 35.03 15.45
N LYS B 193 2.79 34.45 15.19
CA LYS B 193 1.61 34.81 15.96
C LYS B 193 1.34 33.84 17.10
N ILE B 194 1.42 32.54 16.87
CA ILE B 194 1.02 31.56 17.88
C ILE B 194 2.21 30.80 18.48
N GLY B 195 3.41 30.93 17.92
CA GLY B 195 4.51 30.08 18.35
C GLY B 195 4.83 30.20 19.83
N ARG B 196 4.70 31.40 20.41
CA ARG B 196 5.07 31.59 21.80
C ARG B 196 4.10 30.89 22.77
N TYR B 197 2.99 30.39 22.28
CA TYR B 197 1.99 29.74 23.12
C TYR B 197 1.99 28.24 22.91
N ALA B 198 2.86 27.71 22.05
CA ALA B 198 2.87 26.31 21.67
C ALA B 198 4.03 25.60 22.34
N ASP B 199 3.80 24.36 22.77
CA ASP B 199 4.88 23.55 23.29
C ASP B 199 5.67 22.91 22.17
N TYR B 200 4.99 22.58 21.06
CA TYR B 200 5.64 22.15 19.85
C TYR B 200 4.83 22.66 18.67
N ILE B 201 5.49 22.71 17.51
CA ILE B 201 4.85 23.09 16.25
C ILE B 201 4.98 21.92 15.29
N ALA B 202 3.86 21.54 14.67
CA ALA B 202 3.83 20.44 13.69
C ALA B 202 3.63 21.03 12.31
N ILE B 203 4.56 20.78 11.41
CA ILE B 203 4.48 21.25 10.03
C ILE B 203 3.69 20.21 9.25
N ASN B 204 2.52 20.61 8.76
CA ASN B 204 1.65 19.71 8.03
C ASN B 204 1.95 19.86 6.55
N VAL B 205 2.69 18.89 6.00
CA VAL B 205 2.98 18.84 4.56
C VAL B 205 2.41 17.55 4.00
N SER B 206 1.39 17.00 4.66
CA SER B 206 0.92 15.66 4.34
C SER B 206 -0.58 15.55 4.10
N SER B 207 -1.35 16.60 4.30
CA SER B 207 -2.78 16.54 4.01
C SER B 207 -2.98 16.18 2.54
N PRO B 208 -3.87 15.23 2.23
CA PRO B 208 -4.17 14.95 0.82
C PRO B 208 -5.22 15.86 0.19
N ASN B 209 -5.80 16.77 0.97
CA ASN B 209 -6.95 17.56 0.54
C ASN B 209 -6.62 19.01 0.22
N THR B 210 -5.36 19.40 0.23
CA THR B 210 -4.98 20.73 -0.25
C THR B 210 -4.07 20.53 -1.46
N PRO B 211 -4.53 20.88 -2.66
CA PRO B 211 -3.74 20.57 -3.86
C PRO B 211 -2.32 21.09 -3.78
N GLY B 212 -1.36 20.20 -4.04
CA GLY B 212 0.02 20.58 -4.10
C GLY B 212 0.77 20.47 -2.80
N LEU B 213 0.07 20.31 -1.67
CA LEU B 213 0.75 20.42 -0.38
C LEU B 213 1.78 19.32 -0.23
N ARG B 214 1.42 18.10 -0.63
CA ARG B 214 2.31 16.96 -0.41
C ARG B 214 3.57 17.03 -1.28
N ASP B 215 3.56 17.87 -2.31
CA ASP B 215 4.78 18.05 -3.09
C ASP B 215 5.90 18.62 -2.24
N ASN B 216 5.57 19.25 -1.12
CA ASN B 216 6.57 19.83 -0.23
C ASN B 216 7.31 18.77 0.59
N GLN B 217 6.94 17.49 0.48
CA GLN B 217 7.70 16.42 1.09
C GLN B 217 8.93 16.02 0.26
N GLU B 218 9.07 16.55 -0.95
CA GLU B 218 10.31 16.35 -1.71
C GLU B 218 11.48 16.90 -0.89
N ALA B 219 12.61 16.18 -0.96
CA ALA B 219 13.67 16.39 0.03
C ALA B 219 14.13 17.83 0.05
N GLY B 220 14.40 18.41 -1.12
CA GLY B 220 14.92 19.76 -1.16
C GLY B 220 13.97 20.79 -0.58
N LYS B 221 12.69 20.70 -0.94
CA LYS B 221 11.71 21.65 -0.42
C LYS B 221 11.50 21.45 1.06
N LEU B 222 11.46 20.20 1.51
CA LEU B 222 11.28 19.95 2.93
C LEU B 222 12.44 20.52 3.74
N LYS B 223 13.66 20.44 3.20
CA LYS B 223 14.81 20.97 3.91
C LYS B 223 14.68 22.48 4.10
N ASN B 224 14.29 23.18 3.04
CA ASN B 224 14.13 24.61 3.16
C ASN B 224 12.98 24.96 4.08
N ILE B 225 11.90 24.16 4.06
CA ILE B 225 10.76 24.45 4.94
C ILE B 225 11.16 24.30 6.40
N ILE B 226 11.81 23.17 6.72
CA ILE B 226 12.21 22.89 8.10
C ILE B 226 13.15 23.98 8.61
N LEU B 227 14.15 24.35 7.81
CA LEU B 227 15.12 25.35 8.25
C LEU B 227 14.48 26.73 8.40
N SER B 228 13.55 27.07 7.51
CA SER B 228 12.84 28.34 7.64
C SER B 228 11.99 28.41 8.90
N VAL B 229 11.26 27.33 9.19
CA VAL B 229 10.44 27.30 10.42
C VAL B 229 11.33 27.37 11.67
N LYS B 230 12.43 26.62 11.68
CA LYS B 230 13.33 26.71 12.83
C LYS B 230 13.95 28.10 12.97
N GLU B 231 14.27 28.73 11.84
CA GLU B 231 14.82 30.07 11.89
C GLU B 231 13.82 31.06 12.46
N GLU B 232 12.55 30.93 12.08
CA GLU B 232 11.52 31.86 12.55
C GLU B 232 11.26 31.69 14.04
N ILE B 233 11.30 30.46 14.53
CA ILE B 233 11.12 30.18 15.96
C ILE B 233 12.30 30.70 16.76
N ASP B 234 13.52 30.57 16.24
CA ASP B 234 14.69 31.06 16.97
C ASP B 234 14.76 32.59 17.02
N ASN B 235 14.03 33.28 16.16
CA ASN B 235 14.03 34.74 16.19
C ASN B 235 12.89 35.33 17.02
N LEU B 236 12.01 34.51 17.57
CA LEU B 236 10.94 35.05 18.41
C LEU B 236 11.50 35.74 19.65
N GLU B 237 12.64 35.28 20.16
CA GLU B 237 13.22 35.90 21.35
C GLU B 237 13.54 37.38 21.09
N LYS B 238 14.27 37.66 20.03
CA LYS B 238 14.60 39.05 19.71
C LYS B 238 13.36 39.93 19.64
N ASN B 239 12.38 39.49 18.85
CA ASN B 239 11.18 40.28 18.59
C ASN B 239 10.18 40.14 19.74
N PHE B 246 7.31 36.64 30.90
CA PHE B 246 8.31 35.89 30.15
C PHE B 246 7.78 35.59 28.74
N LEU B 247 8.68 35.32 27.80
CA LEU B 247 8.27 35.19 26.41
C LEU B 247 7.46 33.92 26.18
N TRP B 248 7.88 32.80 26.76
CA TRP B 248 7.29 31.51 26.44
C TRP B 248 6.10 31.27 27.37
N PHE B 249 4.90 31.48 26.84
CA PHE B 249 3.66 31.34 27.60
C PHE B 249 3.02 30.01 27.21
N ASN B 250 3.70 28.94 27.61
CA ASN B 250 3.28 27.59 27.26
C ASN B 250 3.56 26.69 28.47
N THR B 251 3.59 25.38 28.24
CA THR B 251 3.82 24.45 29.35
C THR B 251 5.31 24.33 29.67
N THR B 252 6.12 24.13 28.64
CA THR B 252 7.54 23.88 28.85
C THR B 252 8.29 25.12 29.34
N LYS B 253 7.78 26.31 29.03
CA LYS B 253 8.47 27.56 29.29
C LYS B 253 9.74 27.68 28.47
N LYS B 254 9.81 26.98 27.35
CA LYS B 254 10.89 27.05 26.39
C LYS B 254 10.30 27.22 25.00
N LYS B 255 11.18 27.52 24.03
CA LYS B 255 10.72 27.65 22.66
C LYS B 255 10.15 26.32 22.17
N PRO B 256 9.21 26.35 21.25
CA PRO B 256 8.57 25.10 20.84
C PRO B 256 9.50 24.24 20.00
N LEU B 257 9.42 22.94 20.22
CA LEU B 257 10.05 21.96 19.34
C LEU B 257 9.33 21.96 17.99
N VAL B 258 9.94 21.32 16.99
CA VAL B 258 9.43 21.32 15.62
C VAL B 258 9.29 19.88 15.20
N PHE B 259 8.06 19.47 14.90
CA PHE B 259 7.77 18.17 14.32
C PHE B 259 7.36 18.33 12.85
N VAL B 260 7.49 17.26 12.09
CA VAL B 260 6.97 17.22 10.73
C VAL B 260 6.00 16.03 10.64
N LYS B 261 4.85 16.23 9.99
CA LYS B 261 3.85 15.19 9.82
C LYS B 261 3.87 14.70 8.38
N LEU B 262 4.07 13.40 8.20
CA LEU B 262 4.33 12.83 6.88
C LEU B 262 3.16 11.96 6.43
N ALA B 263 3.01 11.86 5.15
CA ALA B 263 1.95 11.03 4.58
C ALA B 263 2.47 9.63 4.31
N PRO B 264 1.63 8.60 4.47
CA PRO B 264 2.10 7.23 4.25
C PRO B 264 2.24 6.84 2.79
N ASP B 265 1.88 7.72 1.86
CA ASP B 265 1.82 7.36 0.45
C ASP B 265 3.13 7.64 -0.30
N LEU B 266 4.22 7.89 0.40
CA LEU B 266 5.51 8.03 -0.23
C LEU B 266 6.07 6.67 -0.66
N ASN B 267 6.92 6.70 -1.68
CA ASN B 267 7.68 5.52 -2.06
C ASN B 267 8.97 5.43 -1.23
N GLN B 268 9.65 4.27 -1.33
CA GLN B 268 10.78 4.00 -0.44
C GLN B 268 11.93 4.96 -0.68
N GLU B 269 12.19 5.29 -1.93
CA GLU B 269 13.25 6.26 -2.23
C GLU B 269 12.96 7.63 -1.60
N GLN B 270 11.71 8.08 -1.65
CA GLN B 270 11.37 9.37 -1.04
C GLN B 270 11.53 9.30 0.47
N LYS B 271 11.10 8.19 1.08
CA LYS B 271 11.22 8.05 2.53
C LYS B 271 12.69 8.16 2.98
N LYS B 272 13.61 7.51 2.23
CA LYS B 272 15.03 7.57 2.57
C LYS B 272 15.60 8.97 2.36
N GLU B 273 15.18 9.65 1.30
CA GLU B 273 15.65 11.03 1.09
C GLU B 273 15.16 11.93 2.22
N ILE B 274 13.90 11.76 2.62
CA ILE B 274 13.35 12.56 3.70
C ILE B 274 14.11 12.32 4.97
N ALA B 275 14.45 11.06 5.25
CA ALA B 275 15.17 10.72 6.48
C ALA B 275 16.50 11.45 6.56
N ASP B 276 17.27 11.42 5.47
CA ASP B 276 18.53 12.15 5.46
C ASP B 276 18.33 13.62 5.72
N VAL B 277 17.24 14.19 5.20
CA VAL B 277 16.97 15.60 5.44
C VAL B 277 16.64 15.82 6.91
N LEU B 278 15.86 14.91 7.52
CA LEU B 278 15.51 15.08 8.93
C LEU B 278 16.74 15.03 9.82
N LEU B 279 17.72 14.17 9.47
CA LEU B 279 18.96 14.10 10.25
C LEU B 279 19.80 15.35 10.07
N GLU B 280 19.83 15.91 8.85
CA GLU B 280 20.65 17.09 8.59
C GLU B 280 20.06 18.31 9.25
N THR B 281 18.74 18.47 9.23
CA THR B 281 18.10 19.66 9.79
C THR B 281 17.79 19.51 11.27
N ASN B 282 17.92 18.33 11.84
CA ASN B 282 17.75 18.12 13.28
C ASN B 282 16.30 18.40 13.71
N ILE B 283 15.35 17.84 12.97
CA ILE B 283 13.95 17.92 13.38
C ILE B 283 13.80 17.23 14.72
N ASP B 284 12.95 17.77 15.58
CA ASP B 284 12.82 17.20 16.92
C ASP B 284 11.91 15.98 16.97
N GLY B 285 11.14 15.72 15.93
CA GLY B 285 10.30 14.54 15.88
C GLY B 285 9.54 14.49 14.58
N MET B 286 9.05 13.29 14.27
CA MET B 286 8.25 13.09 13.07
C MET B 286 6.95 12.41 13.48
N ILE B 287 5.83 12.91 12.96
CA ILE B 287 4.50 12.34 13.19
C ILE B 287 4.18 11.40 12.03
N ILE B 288 4.06 10.12 12.34
CA ILE B 288 3.87 9.06 11.35
C ILE B 288 2.60 8.35 11.78
N SER B 289 1.48 8.62 11.13
CA SER B 289 1.43 9.42 9.90
C SER B 289 0.04 10.03 9.65
N ASN B 290 -0.08 10.74 8.52
CA ASN B 290 -1.36 11.32 8.12
C ASN B 290 -2.20 10.27 7.40
N THR B 291 -3.30 10.72 6.81
CA THR B 291 -4.20 9.79 6.15
C THR B 291 -3.62 9.33 4.81
N THR B 292 -4.12 8.18 4.32
CA THR B 292 -3.72 7.63 3.03
C THR B 292 -4.85 7.77 2.00
N THR B 293 -4.44 7.95 0.75
CA THR B 293 -5.40 7.98 -0.36
C THR B 293 -5.69 6.59 -0.91
N GLN B 294 -5.06 5.57 -0.36
CA GLN B 294 -5.32 4.20 -0.81
C GLN B 294 -6.67 3.75 -0.25
N ILE B 295 -7.57 3.34 -1.15
CA ILE B 295 -8.91 2.87 -0.78
C ILE B 295 -8.95 1.39 -1.10
N ASN B 296 -8.42 0.57 -0.20
CA ASN B 296 -8.24 -0.87 -0.42
C ASN B 296 -9.41 -1.59 0.23
N ASP B 297 -10.40 -1.96 -0.58
CA ASP B 297 -11.48 -2.84 -0.12
C ASP B 297 -12.33 -2.17 0.95
N ILE B 298 -12.83 -0.97 0.64
CA ILE B 298 -13.82 -0.29 1.47
C ILE B 298 -14.95 0.12 0.52
N LYS B 299 -15.94 -0.76 0.38
CA LYS B 299 -16.97 -0.58 -0.64
C LYS B 299 -17.70 0.74 -0.50
N SER B 300 -18.10 1.12 0.72
CA SER B 300 -18.86 2.36 0.92
C SER B 300 -18.04 3.61 0.61
N PHE B 301 -16.72 3.50 0.48
CA PHE B 301 -15.86 4.64 0.13
C PHE B 301 -15.53 4.64 -1.36
N GLU B 302 -15.98 3.63 -2.11
CA GLU B 302 -15.51 3.43 -3.47
C GLU B 302 -15.65 4.68 -4.34
N ASN B 303 -16.69 5.48 -4.15
CA ASN B 303 -16.89 6.68 -4.94
C ASN B 303 -16.39 7.96 -4.26
N LYS B 304 -15.83 7.86 -3.07
CA LYS B 304 -15.52 9.04 -2.26
C LYS B 304 -14.05 9.43 -2.39
N LYS B 305 -13.78 10.68 -2.06
CA LYS B 305 -12.47 11.28 -2.20
C LYS B 305 -11.91 11.62 -0.84
N GLY B 306 -10.58 11.74 -0.79
CA GLY B 306 -9.91 12.20 0.41
C GLY B 306 -8.97 11.19 1.01
N GLY B 307 -8.72 11.34 2.30
CA GLY B 307 -7.77 10.50 3.02
C GLY B 307 -8.51 9.59 3.99
N VAL B 308 -7.98 8.38 4.14
CA VAL B 308 -8.54 7.36 5.01
C VAL B 308 -7.82 7.37 6.35
N SER B 309 -8.61 7.23 7.42
CA SER B 309 -8.16 7.06 8.78
C SER B 309 -8.75 5.77 9.33
N GLY B 310 -8.24 5.36 10.49
CA GLY B 310 -8.85 4.28 11.24
C GLY B 310 -8.11 2.95 11.11
N ALA B 311 -8.84 1.85 11.28
CA ALA B 311 -8.22 0.53 11.27
C ALA B 311 -7.55 0.24 9.94
N LYS B 312 -8.15 0.69 8.85
CA LYS B 312 -7.57 0.49 7.52
C LYS B 312 -6.25 1.20 7.34
N LEU B 313 -5.86 2.07 8.27
CA LEU B 313 -4.57 2.76 8.23
C LEU B 313 -3.53 2.16 9.18
N LYS B 314 -3.92 1.29 10.11
CA LYS B 314 -3.03 0.89 11.19
C LYS B 314 -1.76 0.23 10.66
N ASP B 315 -1.93 -0.85 9.89
CA ASP B 315 -0.76 -1.62 9.45
C ASP B 315 0.12 -0.79 8.54
N ILE B 316 -0.47 -0.01 7.64
CA ILE B 316 0.29 0.83 6.74
C ILE B 316 1.17 1.78 7.56
N SER B 317 0.57 2.46 8.55
CA SER B 317 1.33 3.45 9.30
C SER B 317 2.34 2.80 10.25
N THR B 318 2.05 1.63 10.80
CA THR B 318 3.02 0.96 11.66
C THR B 318 4.26 0.57 10.86
N LYS B 319 4.04 -0.04 9.69
CA LYS B 319 5.16 -0.34 8.80
C LYS B 319 5.98 0.93 8.50
N PHE B 320 5.31 2.05 8.29
CA PHE B 320 5.99 3.32 8.01
C PHE B 320 6.85 3.74 9.19
N ILE B 321 6.38 3.50 10.42
CA ILE B 321 7.18 3.80 11.59
C ILE B 321 8.47 2.99 11.58
N CYS B 322 8.36 1.68 11.36
CA CYS B 322 9.55 0.83 11.29
C CYS B 322 10.54 1.37 10.26
N GLU B 323 10.04 1.70 9.07
CA GLU B 323 10.93 2.16 8.00
C GLU B 323 11.65 3.44 8.38
N MET B 324 10.92 4.43 8.90
CA MET B 324 11.56 5.70 9.23
C MET B 324 12.45 5.57 10.46
N TYR B 325 12.05 4.76 11.44
CA TYR B 325 12.90 4.49 12.59
C TYR B 325 14.24 3.92 12.14
N ASN B 326 14.24 3.10 11.10
CA ASN B 326 15.49 2.55 10.60
C ASN B 326 16.24 3.53 9.71
N TYR B 327 15.52 4.24 8.83
CA TYR B 327 16.16 5.18 7.92
C TYR B 327 16.80 6.35 8.67
N THR B 328 16.23 6.76 9.81
CA THR B 328 16.80 7.81 10.63
C THR B 328 17.75 7.28 11.68
N ASN B 329 18.06 5.97 11.64
CA ASN B 329 19.00 5.35 12.57
C ASN B 329 18.65 5.62 14.02
N LYS B 330 17.36 5.73 14.31
CA LYS B 330 16.85 5.86 15.66
C LYS B 330 17.15 7.22 16.30
N GLN B 331 17.51 8.20 15.47
CA GLN B 331 17.92 9.50 16.00
C GLN B 331 16.79 10.53 16.06
N ILE B 332 15.64 10.25 15.46
CA ILE B 332 14.52 11.19 15.42
C ILE B 332 13.35 10.56 16.14
N PRO B 333 12.88 11.13 17.25
CA PRO B 333 11.69 10.57 17.92
C PRO B 333 10.44 10.58 17.06
N ILE B 334 9.56 9.61 17.32
CA ILE B 334 8.38 9.36 16.48
C ILE B 334 7.10 9.54 17.31
N ILE B 335 6.16 10.32 16.80
CA ILE B 335 4.81 10.37 17.30
C ILE B 335 3.96 9.49 16.41
N ALA B 336 3.34 8.46 16.97
CA ALA B 336 2.53 7.53 16.19
C ALA B 336 1.12 8.05 16.00
N SER B 337 0.62 7.95 14.76
CA SER B 337 -0.75 8.30 14.42
C SER B 337 -1.26 7.34 13.36
N GLY B 338 -2.34 6.62 13.67
CA GLY B 338 -2.95 5.78 12.67
C GLY B 338 -3.55 4.48 13.16
N GLY B 339 -4.89 4.39 13.16
CA GLY B 339 -5.55 3.16 13.52
C GLY B 339 -5.29 2.66 14.90
N ILE B 340 -4.91 3.53 15.84
CA ILE B 340 -4.66 3.11 17.22
C ILE B 340 -5.99 3.06 17.94
N PHE B 341 -6.41 1.87 18.35
CA PHE B 341 -7.66 1.70 19.08
C PHE B 341 -7.50 1.03 20.43
N SER B 342 -6.44 0.27 20.65
CA SER B 342 -6.34 -0.59 21.82
C SER B 342 -4.92 -0.52 22.38
N GLY B 343 -4.76 -1.09 23.57
CA GLY B 343 -3.42 -1.17 24.15
C GLY B 343 -2.46 -1.97 23.29
N LEU B 344 -2.95 -3.06 22.72
CA LEU B 344 -2.13 -3.84 21.79
C LEU B 344 -1.68 -2.98 20.61
N ASP B 345 -2.61 -2.23 20.00
CA ASP B 345 -2.24 -1.31 18.92
C ASP B 345 -1.16 -0.33 19.38
N ALA B 346 -1.34 0.28 20.56
CA ALA B 346 -0.39 1.28 21.02
C ALA B 346 0.98 0.65 21.27
N LEU B 347 1.01 -0.54 21.86
CA LEU B 347 2.29 -1.20 22.11
C LEU B 347 2.99 -1.56 20.80
N GLU B 348 2.22 -2.00 19.79
CA GLU B 348 2.80 -2.21 18.47
C GLU B 348 3.48 -0.96 17.94
N LYS B 349 2.85 0.21 18.11
CA LYS B 349 3.45 1.45 17.65
C LYS B 349 4.73 1.79 18.43
N ILE B 350 4.68 1.64 19.76
CA ILE B 350 5.86 1.89 20.58
C ILE B 350 6.99 0.93 20.21
N GLU B 351 6.69 -0.37 20.15
CA GLU B 351 7.74 -1.34 19.82
C GLU B 351 8.32 -1.08 18.43
N ALA B 352 7.51 -0.50 17.53
CA ALA B 352 8.01 -0.16 16.20
C ALA B 352 8.95 1.04 16.22
N GLY B 353 8.86 1.90 17.23
CA GLY B 353 9.75 3.04 17.33
C GLY B 353 9.15 4.31 17.87
N ALA B 354 7.87 4.28 18.21
CA ALA B 354 7.18 5.49 18.64
C ALA B 354 7.38 5.73 20.12
N SER B 355 7.56 7.01 20.50
CA SER B 355 7.63 7.38 21.90
C SER B 355 6.28 7.76 22.47
N VAL B 356 5.32 8.15 21.63
CA VAL B 356 4.03 8.63 22.10
C VAL B 356 3.00 8.35 21.00
N CYS B 357 1.73 8.25 21.39
CA CYS B 357 0.65 7.87 20.49
C CYS B 357 -0.41 8.96 20.42
N GLN B 358 -0.88 9.23 19.20
CA GLN B 358 -1.99 10.14 18.96
C GLN B 358 -3.22 9.37 18.52
N LEU B 359 -4.38 9.77 19.01
CA LEU B 359 -5.63 9.15 18.64
C LEU B 359 -6.53 10.15 17.94
N TYR B 360 -7.37 9.65 17.05
CA TYR B 360 -8.45 10.41 16.43
C TYR B 360 -9.63 9.46 16.21
N SER B 361 -9.45 8.49 15.29
CA SER B 361 -10.54 7.59 14.95
C SER B 361 -11.05 6.85 16.18
N CYS B 362 -10.17 6.60 17.15
CA CYS B 362 -10.59 5.93 18.37
C CYS B 362 -11.68 6.74 19.09
N LEU B 363 -11.52 8.06 19.14
CA LEU B 363 -12.54 8.91 19.73
C LEU B 363 -13.88 8.78 19.01
N VAL B 364 -13.84 8.72 17.68
CA VAL B 364 -15.07 8.63 16.91
C VAL B 364 -15.80 7.34 17.25
N PHE B 365 -15.10 6.21 17.25
CA PHE B 365 -15.78 4.92 17.35
C PHE B 365 -15.87 4.38 18.78
N ASN B 366 -15.05 4.85 19.71
CA ASN B 366 -15.10 4.39 21.09
C ASN B 366 -15.61 5.46 22.06
N GLY B 367 -15.73 6.71 21.63
CA GLY B 367 -16.40 7.72 22.44
C GLY B 367 -15.57 8.20 23.61
N MET B 368 -16.28 8.53 24.69
CA MET B 368 -15.66 9.25 25.80
C MET B 368 -14.61 8.42 26.52
N LYS B 369 -14.75 7.10 26.51
CA LYS B 369 -13.89 6.22 27.30
C LYS B 369 -12.56 5.90 26.63
N SER B 370 -12.28 6.52 25.48
CA SER B 370 -11.09 6.15 24.70
C SER B 370 -9.82 6.19 25.55
N ALA B 371 -9.58 7.31 26.24
CA ALA B 371 -8.32 7.47 26.95
C ALA B 371 -8.24 6.54 28.15
N VAL B 372 -9.26 6.57 29.01
CA VAL B 372 -9.24 5.74 30.21
C VAL B 372 -9.00 4.29 29.84
N GLN B 373 -9.74 3.80 28.83
CA GLN B 373 -9.69 2.39 28.48
C GLN B 373 -8.33 2.01 27.90
N ILE B 374 -7.78 2.82 27.01
CA ILE B 374 -6.54 2.44 26.35
C ILE B 374 -5.36 2.55 27.31
N LYS B 375 -5.39 3.52 28.22
CA LYS B 375 -4.33 3.61 29.22
C LYS B 375 -4.29 2.37 30.09
N ARG B 376 -5.45 1.90 30.54
CA ARG B 376 -5.52 0.68 31.33
C ARG B 376 -5.00 -0.52 30.53
N GLU B 377 -5.50 -0.70 29.31
CA GLU B 377 -5.07 -1.84 28.51
C GLU B 377 -3.55 -1.86 28.33
N LEU B 378 -2.94 -0.70 28.13
CA LEU B 378 -1.50 -0.63 27.94
C LEU B 378 -0.76 -0.95 29.23
N ASN B 379 -1.19 -0.37 30.36
CA ASN B 379 -0.53 -0.66 31.63
C ASN B 379 -0.53 -2.16 31.90
N HIS B 380 -1.68 -2.80 31.73
CA HIS B 380 -1.76 -4.24 31.95
C HIS B 380 -0.87 -4.98 30.96
N LEU B 381 -0.80 -4.50 29.73
CA LEU B 381 0.02 -5.17 28.70
C LEU B 381 1.50 -4.98 28.97
N LEU B 382 1.90 -3.81 29.45
CA LEU B 382 3.31 -3.60 29.79
C LEU B 382 3.76 -4.61 30.84
N TYR B 383 2.95 -4.79 31.90
CA TYR B 383 3.30 -5.77 32.94
C TYR B 383 3.44 -7.17 32.33
N GLN B 384 2.45 -7.59 31.55
CA GLN B 384 2.48 -8.95 31.01
C GLN B 384 3.75 -9.20 30.21
N ARG B 385 4.14 -8.25 29.37
CA ARG B 385 5.29 -8.43 28.49
C ARG B 385 6.63 -8.27 29.20
N GLY B 386 6.64 -8.04 30.51
CA GLY B 386 7.87 -7.96 31.24
C GLY B 386 8.64 -6.66 31.09
N TYR B 387 7.92 -5.57 30.81
CA TYR B 387 8.54 -4.25 30.72
C TYR B 387 8.47 -3.54 32.06
N TYR B 388 9.60 -2.98 32.50
CA TYR B 388 9.60 -2.15 33.70
C TYR B 388 8.75 -0.91 33.48
N ASN B 389 8.98 -0.20 32.38
CA ASN B 389 8.22 0.99 32.03
C ASN B 389 8.08 1.05 30.53
N LEU B 390 7.35 2.07 30.06
CA LEU B 390 7.08 2.20 28.63
C LEU B 390 8.34 2.52 27.85
N LYS B 391 9.22 3.37 28.41
CA LYS B 391 10.42 3.76 27.66
C LYS B 391 11.27 2.56 27.29
N GLU B 392 11.28 1.52 28.15
CA GLU B 392 12.03 0.31 27.83
C GLU B 392 11.54 -0.37 26.56
N ALA B 393 10.30 -0.12 26.14
CA ALA B 393 9.72 -0.83 25.01
C ALA B 393 9.95 -0.11 23.68
N ILE B 394 10.38 1.14 23.71
CA ILE B 394 10.47 1.91 22.47
C ILE B 394 11.49 1.28 21.55
N GLY B 395 11.03 0.84 20.39
CA GLY B 395 11.90 0.30 19.37
C GLY B 395 12.32 -1.14 19.55
N ARG B 396 11.72 -1.87 20.48
CA ARG B 396 12.13 -3.23 20.77
C ARG B 396 11.66 -4.25 19.74
N LYS B 397 10.88 -3.84 18.75
CA LYS B 397 10.41 -4.80 17.75
C LYS B 397 11.59 -5.55 17.15
N HIS B 398 12.62 -4.83 16.72
CA HIS B 398 13.79 -5.43 16.10
C HIS B 398 15.05 -4.63 16.41
C01 A1A52 C . -0.38 -4.48 -26.30
C04 A1A52 C . -1.77 -1.74 -24.43
C05 A1A52 C . -2.62 -1.17 -23.32
C08 A1A52 C . -4.05 -1.72 -21.31
C09 A1A52 C . -3.35 -0.76 -20.33
C10 A1A52 C . -3.50 -2.25 -19.97
C11 A1A52 C . -0.89 -1.04 -25.27
C12 A1A52 C . -0.28 -1.99 -26.07
C13 A1A52 C . 0.77 -1.75 -27.19
C14 A1A52 C . 0.19 -1.52 -28.59
C15 A1A52 C . -1.18 -1.50 -28.83
C16 A1A52 C . -1.60 -1.26 -30.14
C17 A1A52 C . -0.64 -1.06 -31.13
C19 A1A52 C . 1.08 -1.31 -29.64
C20 A1A52 C . -1.09 -0.79 -32.57
C24 A1A52 C . -0.66 0.47 -25.33
F21 A1A52 C . -2.24 -1.48 -32.81
F22 A1A52 C . -0.10 -1.21 -33.42
F23 A1A52 C . -1.30 0.54 -32.73
N02 A1A52 C . -0.74 -3.19 -25.70
N03 A1A52 C . -1.66 -3.05 -24.67
N07 A1A52 C . -3.25 -2.16 -22.45
N18 A1A52 C . 0.65 -1.09 -30.87
O06 A1A52 C . -2.72 0.00 -23.11
H012 A1A52 C . -1.06 -5.25 -25.95
H011 A1A52 C . 0.64 -4.74 -25.99
H013 A1A52 C . -0.42 -4.40 -27.39
H081 A1A52 C . -5.12 -1.58 -21.39
H092 A1A52 C . -2.35 -0.45 -20.62
H091 A1A52 C . -4.01 -0.09 -19.79
H102 A1A52 C . -4.24 -2.48 -19.21
H101 A1A52 C . -2.59 -2.84 -20.04
H132 A1A52 C . 1.43 -2.61 -27.23
H131 A1A52 C . 1.35 -0.86 -26.91
H151 A1A52 C . -1.90 -1.66 -28.02
H161 A1A52 C . -2.67 -1.24 -30.38
H191 A1A52 C . 2.15 -1.32 -29.45
H243 A1A52 C . -0.77 0.90 -24.34
H242 A1A52 C . -1.38 0.92 -26.00
H241 A1A52 C . 0.35 0.67 -25.71
H071 A1A52 C . -3.14 -3.14 -22.64
N1 FMN D . -2.64 -11.55 -13.22
C2 FMN D . -3.29 -12.78 -13.10
O2 FMN D . -2.78 -13.71 -12.46
N3 FMN D . -4.53 -12.97 -13.67
C4 FMN D . -5.12 -11.95 -14.41
O4 FMN D . -6.21 -12.15 -14.94
C4A FMN D . -4.47 -10.75 -14.56
N5 FMN D . -5.11 -9.73 -15.27
C5A FMN D . -4.44 -8.53 -15.44
C6 FMN D . -5.02 -7.52 -16.20
C7 FMN D . -4.36 -6.30 -16.37
C7M FMN D . -5.03 -5.20 -17.14
C8 FMN D . -3.10 -6.10 -15.79
C8M FMN D . -2.34 -4.81 -15.90
C9 FMN D . -2.52 -7.12 -15.04
C9A FMN D . -3.17 -8.34 -14.86
N10 FMN D . -2.57 -9.34 -14.14
C10 FMN D . -3.23 -10.55 -13.96
C1' FMN D . -1.25 -9.11 -13.49
C2' FMN D . -0.08 -9.38 -14.42
O2' FMN D . -0.14 -10.74 -14.85
C3' FMN D . 1.25 -9.10 -13.77
O3' FMN D . 1.43 -9.98 -12.68
C4' FMN D . 1.36 -7.68 -13.23
O4' FMN D . 0.81 -6.78 -14.16
C5' FMN D . 2.81 -7.32 -12.90
O5' FMN D . 3.61 -7.43 -14.05
P FMN D . 4.14 -6.09 -14.78
O1P FMN D . 3.03 -5.54 -15.60
O2P FMN D . 5.31 -6.51 -15.63
O3P FMN D . 4.57 -5.11 -13.75
HN3 FMN D . -5.02 -13.87 -13.56
H6 FMN D . -5.99 -7.68 -16.68
HM71 FMN D . -4.30 -4.44 -17.41
HM72 FMN D . -5.81 -4.75 -16.52
HM73 FMN D . -5.46 -5.61 -18.05
HM81 FMN D . -1.42 -4.87 -15.32
HM82 FMN D . -2.96 -4.00 -15.51
HM83 FMN D . -2.11 -4.62 -16.95
H9 FMN D . -1.54 -6.97 -14.58
H1'1 FMN D . -1.15 -9.75 -12.61
H1'2 FMN D . -1.19 -8.07 -13.16
H2' FMN D . -0.18 -8.73 -15.29
HO2' FMN D . 0.66 -11.21 -14.54
H3' FMN D . 2.01 -9.25 -14.54
HO3' FMN D . 1.62 -9.45 -11.87
H4' FMN D . 0.80 -7.60 -12.30
HO4' FMN D . 1.49 -6.15 -14.45
H5'1 FMN D . 3.18 -8.00 -12.14
H5'2 FMN D . 2.85 -6.31 -12.51
O2 OG6 E . -8.96 -9.47 -13.54
C10 OG6 E . -8.42 -8.65 -12.76
C06 OG6 E . -7.03 -8.94 -12.22
C07 OG6 E . -6.62 -10.16 -11.86
C09 OG6 E . -5.29 -10.35 -11.30
O02 OG6 E . -4.80 -11.40 -10.94
N05 OG6 E . -4.54 -9.18 -11.18
C08 OG6 E . -4.96 -7.91 -11.50
O01 OG6 E . -4.23 -6.96 -11.34
N04 OG6 E . -6.21 -7.85 -12.02
O1 OG6 E . -8.88 -7.61 -12.27
H2 OG6 E . -7.18 -10.90 -11.97
H4 OG6 E . -3.74 -9.26 -10.88
H3 OG6 E . -6.53 -7.08 -12.25
C01 A1A52 F . -16.29 12.73 19.20
C04 A1A52 F . -17.46 11.67 15.97
C05 A1A52 F . -17.47 11.72 14.43
C08 A1A52 F . -16.42 12.70 12.36
C09 A1A52 F . -16.21 11.37 11.64
C10 A1A52 F . -15.04 12.34 11.79
C11 A1A52 F . -18.14 10.77 16.79
C12 A1A52 F . -17.79 11.08 18.09
C13 A1A52 F . -18.27 10.34 19.36
C14 A1A52 F . -19.40 11.10 20.09
C15 A1A52 F . -20.09 12.14 19.48
C16 A1A52 F . -21.09 12.76 20.25
C17 A1A52 F . -21.36 12.31 21.53
C19 A1A52 F . -19.73 10.70 21.39
C20 A1A52 F . -22.46 12.95 22.38
C24 A1A52 F . -19.11 9.65 16.33
F21 A1A52 F . -22.57 14.28 22.06
F22 A1A52 F . -22.12 12.81 23.69
F23 A1A52 F . -23.63 12.30 22.12
N02 A1A52 F . -16.92 12.08 18.05
N03 A1A52 F . -16.70 12.46 16.74
N07 A1A52 F . -16.50 12.62 13.81
N18 A1A52 F . -20.69 11.31 22.07
O06 A1A52 F . -18.20 11.04 13.78
H012 A1A52 F . -17.06 13.09 19.89
H011 A1A52 F . -15.66 12.02 19.72
H013 A1A52 F . -15.69 13.58 18.86
H081 A1A52 F . -17.01 13.44 11.80
H092 A1A52 F . -16.18 10.49 12.27
H091 A1A52 F . -16.64 11.30 10.64
H102 A1A52 F . -14.75 12.88 10.89
H101 A1A52 F . -14.29 12.07 12.52
H132 A1A52 F . -18.64 9.36 19.08
H131 A1A52 F . -17.43 10.23 20.04
H151 A1A52 F . -19.86 12.47 18.48
H161 A1A52 F . -21.66 13.59 19.83
H191 A1A52 F . -19.19 9.88 21.84
H243 A1A52 F . -18.54 8.74 16.13
H242 A1A52 F . -19.84 9.46 17.10
H241 A1A52 F . -19.61 9.96 15.42
H071 A1A52 F . -15.90 13.18 14.38
N1 FMN G . -4.33 15.80 10.44
C2 FMN G . -3.66 17.01 10.46
O2 FMN G . -2.43 17.03 10.56
N3 FMN G . -4.34 18.20 10.34
C4 FMN G . -5.70 18.19 10.21
O4 FMN G . -6.27 19.28 10.15
C4A FMN G . -6.39 16.99 10.20
N5 FMN G . -7.76 16.96 10.07
C5A FMN G . -8.44 15.76 10.08
C6 FMN G . -9.86 15.77 9.96
C7 FMN G . -10.56 14.58 9.95
C7M FMN G . -12.03 14.61 9.82
C8 FMN G . -9.85 13.37 10.07
C8M FMN G . -10.58 12.05 10.06
C9 FMN G . -8.45 13.37 10.19
C9A FMN G . -7.74 14.57 10.19
N10 FMN G . -6.38 14.58 10.32
C10 FMN G . -5.71 15.79 10.31
C1' FMN G . -5.58 13.32 10.43
C2' FMN G . -5.51 12.83 11.86
O2' FMN G . -4.80 13.75 12.64
C3' FMN G . -4.78 11.49 11.96
O3' FMN G . -3.44 11.61 11.51
C4' FMN G . -5.49 10.40 11.15
O4' FMN G . -6.88 10.46 11.34
C5' FMN G . -4.96 9.01 11.55
O5' FMN G . -5.27 8.77 12.90
P FMN G . -6.46 7.74 13.28
O1P FMN G . -7.76 8.42 12.97
O2P FMN G . -6.39 7.40 14.77
O3P FMN G . -6.32 6.50 12.40
HN3 FMN G . -3.83 19.11 10.34
H6 FMN G . -10.39 16.72 9.88
HM71 FMN G . -12.47 13.74 10.29
HM72 FMN G . -12.31 14.63 8.76
HM73 FMN G . -12.42 15.52 10.30
HM81 FMN G . -9.85 11.24 10.06
HM82 FMN G . -11.20 11.98 9.17
HM83 FMN G . -11.20 11.96 10.95
H9 FMN G . -7.92 12.42 10.29
H1'1 FMN G . -4.57 13.50 10.05
H1'2 FMN G . -6.04 12.56 9.80
H2' FMN G . -6.53 12.70 12.21
HO2' FMN G . -3.99 13.32 13.01
H3' FMN G . -4.78 11.21 13.01
HO3' FMN G . -3.28 10.95 10.79
H4' FMN G . -5.26 10.58 10.10
HO4' FMN G . -7.21 9.59 11.62
H5'1 FMN G . -3.89 8.95 11.40
H5'2 FMN G . -5.43 8.25 10.94
O2 OG6 H . -8.37 19.25 6.89
C10 OG6 H . -8.19 18.30 6.09
C06 OG6 H . -7.09 17.29 6.43
C07 OG6 H . -5.85 17.65 6.76
C09 OG6 H . -4.89 16.63 7.07
O02 OG6 H . -3.73 16.84 7.35
N05 OG6 H . -5.37 15.33 6.97
C08 OG6 H . -6.63 14.93 6.62
O01 OG6 H . -6.98 13.76 6.53
N04 OG6 H . -7.46 15.98 6.37
O1 OG6 H . -8.76 18.04 5.02
H2 OG6 H . -5.60 18.54 6.79
H4 OG6 H . -4.80 14.69 7.16
H3 OG6 H . -8.27 15.82 6.15
NA NA I . 0.13 -2.20 14.15
NA NA J . 12.37 13.42 -2.21
#